data_3PTM
#
_entry.id   3PTM
#
_cell.length_a   114.046
_cell.length_b   114.046
_cell.length_c   184.149
_cell.angle_alpha   90.00
_cell.angle_beta   90.00
_cell.angle_gamma   90.00
#
_symmetry.space_group_name_H-M   'P 43 21 2'
#
loop_
_entity.id
_entity.type
_entity.pdbx_description
1 polymer 'Beta-glucosidase Os4BGlu12'
2 non-polymer 2-deoxy-2-fluoro-alpha-D-glucopyranose
3 non-polymer 'ZINC ION'
4 non-polymer GLYCEROL
5 water water
#
_entity_poly.entity_id   1
_entity_poly.type   'polypeptide(L)'
_entity_poly.pdbx_seq_one_letter_code
;AMADITSLYKKAGSAAAPFAYNSAGEPPVSRRSFPKGFIFGTASSSYQYEGGAAEGGRGPSIWDTFTHQHPEKIADRSNG
DVASDSYHLYKEDVRLMKDMGMDAYRFSISWTRILPNGSLRGGVNKEGIKYYNNLINELLSKGVQPFITLFHWDSPQALE
DKYNGFLSPNIINDFKDYAEICFKEFGDRVKNWITFNEPWTFCSNGYATGLFAPGRCSPWEKGNCSVGDSGREPYTACHH
QLLAHAETVRLYKAKYQALQKGKIGITLVSHWFVPFSRSKSNNDAAKRAIDFMFGWFMDPLIRGDYPLSMRGLVGNRLPQ
FTKEQSKLVKGAFDFIGLNYYTANYADNLPPSNGLNNSYTTDSRANLTGVRNGIPIGPQAASPWLYVYPQGFRDLLLYVK
ENYGNPTVYITENGVDEFNNKTLPLQEALKDDARIEYYHKHLLSLLSAIRDGANVKGYFAWSLLDNFEWSNGYTVRFGIN
FVDYNDGRKRYPKNSAHWFKKFLLK
;
_entity_poly.pdbx_strand_id   A,B
#
loop_
_chem_comp.id
_chem_comp.type
_chem_comp.name
_chem_comp.formula
G2F D-saccharide, alpha linking 2-deoxy-2-fluoro-alpha-D-glucopyranose 'C6 H11 F O5'
GOL non-polymer GLYCEROL 'C3 H8 O3'
ZN non-polymer 'ZINC ION' 'Zn 2'
#
# COMPACT_ATOMS: atom_id res chain seq x y z
N PRO A 28 10.25 4.54 -39.85
CA PRO A 28 9.51 5.22 -38.78
C PRO A 28 10.44 5.76 -37.71
N VAL A 29 10.00 6.81 -37.02
CA VAL A 29 10.81 7.46 -35.99
C VAL A 29 11.15 6.53 -34.81
N SER A 30 12.40 6.59 -34.38
CA SER A 30 12.90 5.81 -33.26
C SER A 30 13.99 6.63 -32.56
N ARG A 31 14.58 6.05 -31.52
CA ARG A 31 15.73 6.64 -30.84
C ARG A 31 16.88 6.93 -31.81
N ARG A 32 17.01 6.05 -32.81
CA ARG A 32 18.09 6.12 -33.80
C ARG A 32 17.99 7.34 -34.71
N SER A 33 16.78 7.89 -34.85
CA SER A 33 16.55 9.14 -35.57
C SER A 33 17.15 10.34 -34.84
N PHE A 34 17.28 10.22 -33.53
CA PHE A 34 17.75 11.32 -32.69
C PHE A 34 19.28 11.34 -32.57
N PRO A 35 19.86 12.49 -32.18
CA PRO A 35 21.33 12.59 -32.08
C PRO A 35 21.92 11.59 -31.09
N LYS A 36 23.17 11.21 -31.34
CA LYS A 36 23.90 10.29 -30.46
C LYS A 36 24.02 10.88 -29.05
N GLY A 37 23.74 10.05 -28.05
CA GLY A 37 23.81 10.47 -26.65
C GLY A 37 22.58 11.20 -26.15
N PHE A 38 21.55 11.30 -26.99
CA PHE A 38 20.28 11.92 -26.62
C PHE A 38 19.60 11.10 -25.54
N ILE A 39 19.15 11.79 -24.49
CA ILE A 39 18.62 11.14 -23.30
C ILE A 39 17.09 11.03 -23.36
N PHE A 40 16.58 9.80 -23.22
CA PHE A 40 15.14 9.58 -23.11
C PHE A 40 14.79 9.08 -21.71
N GLY A 41 13.73 9.64 -21.14
CA GLY A 41 13.30 9.27 -19.80
C GLY A 41 11.83 9.51 -19.54
N THR A 42 11.42 9.24 -18.30
CA THR A 42 10.08 9.57 -17.81
C THR A 42 10.21 10.49 -16.61
N ALA A 43 9.10 11.15 -16.26
CA ALA A 43 9.09 12.11 -15.16
C ALA A 43 8.07 11.75 -14.09
N SER A 44 8.41 12.06 -12.84
CA SER A 44 7.53 11.89 -11.69
C SER A 44 7.74 13.02 -10.68
N SER A 45 6.87 13.07 -9.67
CA SER A 45 7.08 13.96 -8.52
C SER A 45 6.74 13.27 -7.21
N SER A 46 7.33 13.76 -6.13
CA SER A 46 7.20 13.17 -4.80
C SER A 46 5.76 13.06 -4.30
N TYR A 47 5.04 14.17 -4.23
CA TYR A 47 3.69 14.14 -3.68
C TYR A 47 2.72 13.31 -4.52
N GLN A 48 2.97 13.28 -5.83
CA GLN A 48 2.08 12.61 -6.77
C GLN A 48 2.25 11.09 -6.78
N TYR A 49 3.44 10.62 -6.45
CA TYR A 49 3.82 9.22 -6.59
C TYR A 49 3.98 8.47 -5.27
N GLU A 50 4.68 9.10 -4.32
CA GLU A 50 5.27 8.42 -3.17
C GLU A 50 4.29 7.77 -2.20
N GLY A 51 3.32 8.55 -1.73
CA GLY A 51 2.53 8.15 -0.57
C GLY A 51 3.42 8.12 0.66
N GLY A 52 3.11 7.24 1.60
CA GLY A 52 3.83 7.22 2.88
C GLY A 52 3.98 8.62 3.44
N ALA A 53 2.90 9.40 3.33
CA ALA A 53 2.91 10.84 3.64
C ALA A 53 3.24 11.16 5.09
N ALA A 54 2.82 10.29 6.01
CA ALA A 54 3.12 10.46 7.43
C ALA A 54 3.98 9.30 7.90
N GLU A 55 4.84 8.82 7.02
CA GLU A 55 5.67 7.66 7.27
C GLU A 55 7.14 8.07 7.15
N GLY A 56 8.00 7.36 7.87
CA GLY A 56 9.45 7.60 7.78
C GLY A 56 9.88 8.99 8.22
N GLY A 57 9.06 9.61 9.08
CA GLY A 57 9.39 10.89 9.68
C GLY A 57 9.07 12.09 8.81
N ARG A 58 8.32 11.87 7.74
CA ARG A 58 7.96 12.95 6.82
C ARG A 58 7.02 13.96 7.50
N GLY A 59 7.39 15.24 7.41
CA GLY A 59 6.54 16.32 7.88
C GLY A 59 5.48 16.68 6.85
N PRO A 60 4.41 17.38 7.28
CA PRO A 60 3.38 17.74 6.30
C PRO A 60 3.81 18.87 5.37
N SER A 61 3.38 18.81 4.12
CA SER A 61 3.60 19.88 3.17
C SER A 61 2.28 20.64 2.99
N ILE A 62 2.33 21.74 2.24
CA ILE A 62 1.14 22.55 1.96
C ILE A 62 0.08 21.79 1.17
N TRP A 63 0.52 20.77 0.42
CA TRP A 63 -0.40 19.93 -0.34
C TRP A 63 -1.10 18.88 0.53
N ASP A 64 -0.45 18.42 1.59
CA ASP A 64 -1.11 17.59 2.60
C ASP A 64 -2.24 18.39 3.25
N THR A 65 -1.93 19.61 3.66
CA THR A 65 -2.90 20.51 4.30
C THR A 65 -4.04 20.85 3.36
N PHE A 66 -3.71 21.28 2.15
CA PHE A 66 -4.70 21.71 1.16
C PHE A 66 -5.71 20.62 0.83
N THR A 67 -5.21 19.42 0.66
CA THR A 67 -6.04 18.28 0.26
C THR A 67 -6.97 17.80 1.38
N HIS A 68 -6.48 17.84 2.62
CA HIS A 68 -7.26 17.42 3.79
C HIS A 68 -8.22 18.49 4.28
N GLN A 69 -7.78 19.74 4.31
CA GLN A 69 -8.58 20.86 4.82
C GLN A 69 -9.54 21.44 3.77
N HIS A 70 -9.24 21.21 2.49
CA HIS A 70 -10.10 21.71 1.42
C HIS A 70 -10.38 20.61 0.37
N PRO A 71 -11.02 19.50 0.79
CA PRO A 71 -11.28 18.38 -0.12
C PRO A 71 -12.16 18.75 -1.32
N GLU A 72 -12.95 19.81 -1.17
CA GLU A 72 -13.85 20.29 -2.22
C GLU A 72 -13.10 20.94 -3.39
N LYS A 73 -11.82 21.25 -3.15
CA LYS A 73 -10.93 21.82 -4.17
C LYS A 73 -10.34 20.73 -5.08
N ILE A 74 -10.51 19.48 -4.65
CA ILE A 74 -10.07 18.32 -5.42
C ILE A 74 -11.29 17.65 -6.06
N ALA A 75 -11.18 17.34 -7.35
CA ALA A 75 -12.30 16.81 -8.14
C ALA A 75 -12.97 15.58 -7.53
N ASP A 76 -12.17 14.68 -6.94
CA ASP A 76 -12.69 13.45 -6.33
C ASP A 76 -12.45 13.41 -4.81
N ARG A 77 -12.24 14.58 -4.22
CA ARG A 77 -12.01 14.75 -2.77
C ARG A 77 -10.88 13.88 -2.24
N SER A 78 -9.87 13.64 -3.06
CA SER A 78 -8.80 12.73 -2.69
C SER A 78 -7.53 13.45 -2.25
N ASN A 79 -6.53 12.67 -1.82
CA ASN A 79 -5.26 13.20 -1.34
C ASN A 79 -4.08 12.32 -1.74
N GLY A 80 -2.87 12.77 -1.42
CA GLY A 80 -1.66 12.02 -1.73
C GLY A 80 -1.12 11.17 -0.59
N ASP A 81 -2.00 10.81 0.36
CA ASP A 81 -1.60 9.96 1.50
C ASP A 81 -0.94 8.66 1.03
N VAL A 82 -1.53 8.01 0.03
CA VAL A 82 -1.01 6.77 -0.51
C VAL A 82 -0.49 6.98 -1.92
N ALA A 83 -1.19 7.80 -2.70
CA ALA A 83 -0.87 8.09 -4.09
C ALA A 83 -0.66 6.81 -4.89
N SER A 84 0.50 6.69 -5.55
CA SER A 84 0.86 5.47 -6.29
C SER A 84 1.75 4.55 -5.46
N ASP A 85 1.92 4.90 -4.18
CA ASP A 85 2.67 4.10 -3.20
C ASP A 85 4.13 3.81 -3.60
N SER A 86 4.75 4.77 -4.29
CA SER A 86 6.14 4.61 -4.75
C SER A 86 7.15 4.62 -3.61
N TYR A 87 6.72 5.05 -2.42
CA TYR A 87 7.58 5.00 -1.25
C TYR A 87 7.92 3.54 -0.90
N HIS A 88 6.98 2.64 -1.16
CA HIS A 88 7.22 1.22 -0.97
C HIS A 88 7.55 0.50 -2.28
N LEU A 89 6.95 0.97 -3.38
CA LEU A 89 7.01 0.26 -4.66
C LEU A 89 8.03 0.79 -5.67
N TYR A 90 8.94 1.65 -5.23
CA TYR A 90 9.92 2.28 -6.14
C TYR A 90 10.77 1.30 -6.95
N LYS A 91 11.04 0.12 -6.39
CA LYS A 91 11.82 -0.90 -7.10
C LYS A 91 11.08 -1.45 -8.32
N GLU A 92 9.76 -1.50 -8.23
CA GLU A 92 8.91 -1.88 -9.35
C GLU A 92 8.92 -0.78 -10.42
N ASP A 93 8.94 0.48 -9.99
CA ASP A 93 9.03 1.62 -10.91
C ASP A 93 10.29 1.55 -11.76
N VAL A 94 11.42 1.27 -11.10
CA VAL A 94 12.71 1.17 -11.77
C VAL A 94 12.72 0.01 -12.77
N ARG A 95 12.12 -1.11 -12.36
CA ARG A 95 11.95 -2.28 -13.23
C ARG A 95 11.12 -1.93 -14.47
N LEU A 96 10.02 -1.21 -14.26
CA LEU A 96 9.12 -0.79 -15.33
C LEU A 96 9.78 0.11 -16.37
N MET A 97 10.57 1.09 -15.91
CA MET A 97 11.25 2.01 -16.82
C MET A 97 12.44 1.36 -17.52
N LYS A 98 13.09 0.41 -16.85
CA LYS A 98 14.19 -0.35 -17.44
C LYS A 98 13.69 -1.28 -18.55
N ASP A 99 12.54 -1.93 -18.30
CA ASP A 99 11.85 -2.76 -19.31
C ASP A 99 11.63 -2.01 -20.62
N MET A 100 11.35 -0.71 -20.52
CA MET A 100 11.12 0.13 -21.69
C MET A 100 12.41 0.54 -22.37
N GLY A 101 13.51 0.56 -21.62
CA GLY A 101 14.80 0.99 -22.13
C GLY A 101 15.07 2.47 -21.90
N MET A 102 14.47 3.03 -20.87
CA MET A 102 14.66 4.43 -20.51
C MET A 102 16.09 4.69 -20.03
N ASP A 103 16.65 5.83 -20.44
CA ASP A 103 18.01 6.22 -20.05
C ASP A 103 18.04 6.93 -18.70
N ALA A 104 16.99 7.69 -18.44
CA ALA A 104 16.97 8.57 -17.27
C ALA A 104 15.59 8.65 -16.60
N TYR A 105 15.59 9.09 -15.35
CA TYR A 105 14.37 9.24 -14.58
C TYR A 105 14.35 10.60 -13.92
N ARG A 106 13.29 11.35 -14.17
CA ARG A 106 13.10 12.61 -13.49
C ARG A 106 12.19 12.39 -12.29
N PHE A 107 12.73 12.60 -11.10
CA PHE A 107 11.93 12.54 -9.88
C PHE A 107 12.26 13.70 -8.96
N SER A 108 11.39 13.93 -7.98
CA SER A 108 11.61 15.01 -7.05
C SER A 108 11.79 14.49 -5.63
N ILE A 109 12.54 15.23 -4.83
CA ILE A 109 12.70 14.93 -3.43
C ILE A 109 11.68 15.76 -2.66
N SER A 110 11.04 15.14 -1.68
CA SER A 110 10.14 15.83 -0.78
C SER A 110 10.96 16.58 0.26
N TRP A 111 10.89 17.90 0.21
CA TRP A 111 11.51 18.79 1.19
C TRP A 111 11.27 18.31 2.63
N THR A 112 10.03 17.98 2.96
CA THR A 112 9.66 17.57 4.33
C THR A 112 9.96 16.10 4.66
N ARG A 113 10.43 15.34 3.68
CA ARG A 113 11.05 14.05 3.97
C ARG A 113 12.45 14.22 4.51
N ILE A 114 13.13 15.27 4.06
CA ILE A 114 14.51 15.57 4.47
C ILE A 114 14.53 16.50 5.69
N LEU A 115 13.78 17.60 5.61
CA LEU A 115 13.62 18.54 6.72
C LEU A 115 12.14 18.65 7.08
N PRO A 116 11.65 17.80 8.00
CA PRO A 116 10.23 17.70 8.36
C PRO A 116 9.54 19.03 8.68
N ASN A 117 10.24 19.98 9.28
CA ASN A 117 9.66 21.32 9.40
C ASN A 117 10.34 22.44 8.59
N GLY A 118 11.03 22.03 7.53
CA GLY A 118 11.52 22.96 6.51
C GLY A 118 12.90 23.52 6.70
N SER A 119 13.32 23.62 7.96
CA SER A 119 14.59 24.26 8.29
C SER A 119 15.60 23.28 8.88
N LEU A 120 16.88 23.65 8.81
CA LEU A 120 17.95 22.88 9.46
C LEU A 120 17.74 22.70 10.95
N ARG A 121 17.41 23.79 11.65
CA ARG A 121 17.26 23.75 13.10
C ARG A 121 16.15 22.81 13.56
N GLY A 122 15.16 22.62 12.69
CA GLY A 122 14.09 21.67 12.93
C GLY A 122 14.49 20.20 12.83
N GLY A 123 15.72 19.95 12.39
CA GLY A 123 16.27 18.60 12.37
C GLY A 123 16.29 17.94 11.00
N VAL A 124 17.32 17.13 10.77
CA VAL A 124 17.50 16.39 9.54
C VAL A 124 16.99 14.96 9.69
N ASN A 125 16.08 14.55 8.81
CA ASN A 125 15.45 13.23 8.86
C ASN A 125 16.26 12.17 8.11
N LYS A 126 16.99 11.34 8.87
CA LYS A 126 17.88 10.31 8.32
C LYS A 126 17.14 9.25 7.50
N GLU A 127 15.92 8.94 7.93
CA GLU A 127 15.06 7.98 7.24
C GLU A 127 14.67 8.47 5.85
N GLY A 128 14.50 9.79 5.70
CA GLY A 128 14.18 10.41 4.42
C GLY A 128 15.35 10.32 3.45
N ILE A 129 16.54 10.60 3.96
CA ILE A 129 17.78 10.48 3.22
C ILE A 129 17.99 9.04 2.76
N LYS A 130 17.70 8.09 3.65
CA LYS A 130 17.82 6.66 3.33
C LYS A 130 16.94 6.25 2.14
N TYR A 131 15.69 6.73 2.12
CA TYR A 131 14.79 6.41 1.02
C TYR A 131 15.33 6.87 -0.34
N TYR A 132 15.78 8.12 -0.42
CA TYR A 132 16.27 8.66 -1.69
C TYR A 132 17.60 8.03 -2.12
N ASN A 133 18.44 7.67 -1.14
CA ASN A 133 19.64 6.88 -1.43
C ASN A 133 19.27 5.52 -2.02
N ASN A 134 18.29 4.86 -1.43
CA ASN A 134 17.76 3.60 -1.96
C ASN A 134 17.21 3.71 -3.37
N LEU A 135 16.47 4.80 -3.63
CA LEU A 135 15.94 5.06 -4.97
C LEU A 135 17.07 5.34 -5.97
N ILE A 136 17.98 6.24 -5.61
CA ILE A 136 19.11 6.58 -6.47
C ILE A 136 19.96 5.34 -6.78
N ASN A 137 20.27 4.56 -5.75
CA ASN A 137 21.07 3.35 -5.91
C ASN A 137 20.39 2.28 -6.75
N GLU A 138 19.08 2.15 -6.59
CA GLU A 138 18.30 1.21 -7.42
C GLU A 138 18.34 1.62 -8.90
N LEU A 139 18.20 2.92 -9.15
CA LEU A 139 18.22 3.46 -10.50
C LEU A 139 19.57 3.20 -11.18
N LEU A 140 20.65 3.53 -10.47
CA LEU A 140 21.99 3.39 -11.02
C LEU A 140 22.40 1.93 -11.22
N SER A 141 21.94 1.04 -10.34
CA SER A 141 22.23 -0.38 -10.48
C SER A 141 21.62 -0.96 -11.77
N LYS A 142 20.66 -0.22 -12.33
CA LYS A 142 19.99 -0.63 -13.57
C LYS A 142 20.30 0.27 -14.76
N GLY A 143 21.31 1.13 -14.58
CA GLY A 143 21.78 1.99 -15.67
C GLY A 143 20.86 3.15 -16.01
N VAL A 144 20.06 3.59 -15.05
CA VAL A 144 19.16 4.73 -15.24
C VAL A 144 19.73 5.95 -14.50
N GLN A 145 19.92 7.05 -15.23
CA GLN A 145 20.45 8.31 -14.66
C GLN A 145 19.35 9.07 -13.92
N PRO A 146 19.59 9.40 -12.64
CA PRO A 146 18.63 10.22 -11.90
C PRO A 146 18.73 11.73 -12.20
N PHE A 147 17.59 12.33 -12.53
CA PHE A 147 17.45 13.78 -12.65
C PHE A 147 16.56 14.22 -11.50
N ILE A 148 17.12 14.98 -10.55
CA ILE A 148 16.37 15.35 -9.35
C ILE A 148 15.88 16.78 -9.34
N THR A 149 14.56 16.92 -9.22
CA THR A 149 13.91 18.18 -8.92
C THR A 149 13.89 18.36 -7.40
N LEU A 150 14.40 19.51 -6.94
CA LEU A 150 14.39 19.82 -5.51
C LEU A 150 13.02 20.26 -5.03
N PHE A 151 12.37 21.11 -5.82
CA PHE A 151 11.06 21.62 -5.43
C PHE A 151 9.98 21.35 -6.49
N HIS A 152 9.08 20.42 -6.16
CA HIS A 152 7.94 20.14 -7.00
C HIS A 152 6.64 20.39 -6.23
N TRP A 153 6.56 21.57 -5.61
CA TRP A 153 5.34 22.17 -5.02
C TRP A 153 4.98 21.73 -3.60
N ASP A 154 5.62 20.69 -3.10
CA ASP A 154 5.31 20.19 -1.75
C ASP A 154 6.08 20.97 -0.68
N SER A 155 5.80 22.26 -0.64
CA SER A 155 6.43 23.21 0.28
C SER A 155 6.06 22.88 1.73
N PRO A 156 7.01 23.04 2.67
CA PRO A 156 6.78 22.72 4.07
C PRO A 156 5.65 23.53 4.71
N GLN A 157 4.68 22.83 5.31
CA GLN A 157 3.57 23.47 6.01
C GLN A 157 4.05 24.29 7.20
N ALA A 158 5.12 23.82 7.83
CA ALA A 158 5.71 24.51 8.99
C ALA A 158 6.25 25.89 8.63
N LEU A 159 6.77 26.04 7.42
CA LEU A 159 7.26 27.33 6.93
C LEU A 159 6.10 28.18 6.44
N GLU A 160 5.02 27.53 6.03
CA GLU A 160 3.79 28.22 5.65
C GLU A 160 3.15 28.85 6.89
N ASP A 161 3.15 28.10 8.00
CA ASP A 161 2.63 28.57 9.27
C ASP A 161 3.53 29.63 9.88
N LYS A 162 4.84 29.39 9.82
CA LYS A 162 5.82 30.30 10.41
C LYS A 162 5.87 31.68 9.74
N TYR A 163 5.97 31.72 8.42
CA TYR A 163 6.12 33.00 7.70
C TYR A 163 5.45 33.11 6.33
N ASN A 164 4.44 32.27 6.08
CA ASN A 164 3.75 32.24 4.78
C ASN A 164 4.61 31.74 3.61
N GLY A 165 5.52 30.81 3.89
CA GLY A 165 6.35 30.17 2.87
C GLY A 165 7.04 31.10 1.89
N PHE A 166 6.70 30.94 0.61
CA PHE A 166 7.36 31.68 -0.48
C PHE A 166 7.00 33.16 -0.57
N LEU A 167 6.06 33.61 0.27
CA LEU A 167 5.73 35.03 0.37
C LEU A 167 6.76 35.81 1.18
N SER A 168 7.63 35.08 1.89
CA SER A 168 8.66 35.67 2.73
C SER A 168 10.06 35.40 2.19
N PRO A 169 10.96 36.41 2.24
CA PRO A 169 12.35 36.22 1.82
C PRO A 169 13.10 35.19 2.67
N ASN A 170 12.50 34.76 3.78
CA ASN A 170 13.07 33.75 4.67
C ASN A 170 13.15 32.37 4.01
N ILE A 171 12.31 32.15 3.01
CA ILE A 171 12.25 30.88 2.27
C ILE A 171 13.56 30.57 1.53
N ILE A 172 14.27 31.63 1.10
CA ILE A 172 15.50 31.49 0.33
C ILE A 172 16.57 30.68 1.08
N ASN A 173 16.93 31.11 2.29
CA ASN A 173 17.93 30.42 3.09
C ASN A 173 17.53 29.00 3.49
N ASP A 174 16.24 28.83 3.82
CA ASP A 174 15.72 27.50 4.15
C ASP A 174 15.80 26.54 2.95
N PHE A 175 15.44 27.05 1.76
CA PHE A 175 15.58 26.27 0.54
C PHE A 175 17.06 25.95 0.27
N LYS A 176 17.92 26.95 0.43
CA LYS A 176 19.36 26.80 0.23
C LYS A 176 19.95 25.73 1.16
N ASP A 177 19.53 25.75 2.42
CA ASP A 177 19.97 24.74 3.41
C ASP A 177 19.47 23.34 3.04
N TYR A 178 18.24 23.27 2.54
CA TYR A 178 17.65 22.02 2.06
C TYR A 178 18.39 21.50 0.82
N ALA A 179 18.64 22.38 -0.14
CA ALA A 179 19.38 22.02 -1.35
C ALA A 179 20.77 21.50 -1.03
N GLU A 180 21.45 22.13 -0.07
CA GLU A 180 22.80 21.74 0.33
C GLU A 180 22.87 20.33 0.94
N ILE A 181 21.90 19.98 1.77
CA ILE A 181 21.80 18.61 2.29
C ILE A 181 21.71 17.61 1.14
N CYS A 182 20.92 17.96 0.12
CA CYS A 182 20.76 17.11 -1.05
C CYS A 182 22.06 16.96 -1.85
N PHE A 183 22.79 18.06 -2.03
CA PHE A 183 24.09 18.03 -2.68
C PHE A 183 25.10 17.19 -1.90
N LYS A 184 25.11 17.38 -0.58
CA LYS A 184 26.00 16.62 0.31
C LYS A 184 25.67 15.13 0.36
N GLU A 185 24.38 14.79 0.45
CA GLU A 185 23.98 13.40 0.60
C GLU A 185 23.95 12.63 -0.73
N PHE A 186 23.58 13.30 -1.81
CA PHE A 186 23.28 12.60 -3.06
C PHE A 186 24.17 12.99 -4.24
N GLY A 187 24.80 14.15 -4.14
CA GLY A 187 25.57 14.74 -5.24
C GLY A 187 26.76 13.94 -5.76
N ASP A 188 27.19 12.96 -4.97
CA ASP A 188 28.26 12.06 -5.40
C ASP A 188 27.80 11.19 -6.58
N ARG A 189 26.50 10.91 -6.62
CA ARG A 189 25.92 10.04 -7.65
C ARG A 189 24.98 10.81 -8.60
N VAL A 190 24.36 11.87 -8.10
CA VAL A 190 23.41 12.66 -8.89
C VAL A 190 24.13 13.81 -9.58
N LYS A 191 24.02 13.84 -10.91
CA LYS A 191 24.80 14.76 -11.74
C LYS A 191 23.90 15.72 -12.51
N ASN A 192 22.59 15.62 -12.26
CA ASN A 192 21.61 16.48 -12.90
C ASN A 192 20.59 16.98 -11.88
N TRP A 193 20.63 18.28 -11.62
CA TRP A 193 19.78 18.91 -10.62
C TRP A 193 18.84 19.94 -11.24
N ILE A 194 17.59 19.93 -10.79
CA ILE A 194 16.62 20.96 -11.13
C ILE A 194 16.12 21.57 -9.81
N THR A 195 16.19 22.89 -9.71
CA THR A 195 15.81 23.58 -8.49
C THR A 195 14.28 23.61 -8.31
N PHE A 196 13.60 24.25 -9.26
CA PHE A 196 12.15 24.43 -9.20
C PHE A 196 11.45 23.87 -10.43
N ASN A 197 10.34 23.17 -10.18
CA ASN A 197 9.47 22.74 -11.27
C ASN A 197 8.34 23.73 -11.52
N GLU A 198 8.24 24.19 -12.77
CA GLU A 198 7.19 25.10 -13.22
C GLU A 198 6.75 26.12 -12.16
N PRO A 199 7.62 27.10 -11.84
CA PRO A 199 7.20 28.17 -10.94
C PRO A 199 5.95 28.91 -11.45
N TRP A 200 5.75 28.96 -12.77
CA TRP A 200 4.54 29.53 -13.34
C TRP A 200 3.29 28.89 -12.76
N THR A 201 3.23 27.56 -12.77
CA THR A 201 2.06 26.84 -12.30
C THR A 201 1.89 27.04 -10.79
N PHE A 202 3.00 26.95 -10.05
CA PHE A 202 2.97 27.11 -8.60
C PHE A 202 2.41 28.47 -8.19
N CYS A 203 2.90 29.53 -8.83
CA CYS A 203 2.52 30.89 -8.47
C CYS A 203 1.14 31.30 -8.98
N SER A 204 0.83 30.96 -10.23
CA SER A 204 -0.48 31.32 -10.79
C SER A 204 -1.64 30.54 -10.15
N ASN A 205 -1.49 29.22 -10.01
CA ASN A 205 -2.54 28.40 -9.40
C ASN A 205 -2.58 28.49 -7.87
N GLY A 206 -1.44 28.77 -7.25
CA GLY A 206 -1.36 28.83 -5.79
C GLY A 206 -1.67 30.20 -5.20
N TYR A 207 -1.47 31.26 -5.98
CA TYR A 207 -1.58 32.63 -5.47
C TYR A 207 -2.44 33.56 -6.32
N ALA A 208 -2.68 33.18 -7.58
CA ALA A 208 -3.55 33.98 -8.45
C ALA A 208 -4.97 33.44 -8.49
N THR A 209 -5.15 32.19 -8.92
CA THR A 209 -6.47 31.56 -8.94
C THR A 209 -6.82 30.87 -7.62
N GLY A 210 -5.81 30.51 -6.84
CA GLY A 210 -6.00 29.82 -5.58
C GLY A 210 -6.57 28.41 -5.70
N LEU A 211 -6.38 27.79 -6.87
CA LEU A 211 -6.93 26.46 -7.14
C LEU A 211 -5.98 25.32 -6.70
N PHE A 212 -4.70 25.66 -6.52
CA PHE A 212 -3.68 24.73 -6.01
C PHE A 212 -3.24 25.23 -4.65
N ALA A 213 -2.56 24.37 -3.89
CA ALA A 213 -1.91 24.77 -2.63
C ALA A 213 -0.91 25.90 -2.89
N PRO A 214 -0.79 26.88 -1.96
CA PRO A 214 -1.46 27.00 -0.65
C PRO A 214 -2.89 27.56 -0.68
N GLY A 215 -3.48 27.64 -1.87
CA GLY A 215 -4.87 28.07 -2.02
C GLY A 215 -5.14 29.51 -1.62
N ARG A 216 -4.31 30.42 -2.12
CA ARG A 216 -4.46 31.85 -1.84
C ARG A 216 -4.92 32.59 -3.08
N CYS A 217 -5.85 33.52 -2.89
CA CYS A 217 -6.33 34.38 -3.97
C CYS A 217 -7.20 35.53 -3.43
N SER A 218 -7.49 36.49 -4.31
CA SER A 218 -8.46 37.54 -4.03
C SER A 218 -9.86 36.93 -3.97
N PRO A 219 -10.77 37.51 -3.15
CA PRO A 219 -12.11 36.94 -2.95
C PRO A 219 -12.90 36.69 -4.24
N TRP A 220 -12.71 37.55 -5.24
CA TRP A 220 -13.45 37.44 -6.51
C TRP A 220 -12.82 36.46 -7.51
N GLU A 221 -11.62 35.96 -7.20
CA GLU A 221 -10.96 34.98 -8.05
C GLU A 221 -11.54 33.58 -7.87
N LYS A 222 -11.21 32.69 -8.81
CA LYS A 222 -11.79 31.34 -8.91
C LYS A 222 -11.84 30.52 -7.62
N GLY A 223 -10.76 30.59 -6.84
CA GLY A 223 -10.62 29.79 -5.63
C GLY A 223 -11.46 30.26 -4.44
N ASN A 224 -12.04 31.45 -4.55
CA ASN A 224 -12.85 32.05 -3.48
C ASN A 224 -12.14 31.90 -2.13
N CYS A 225 -10.90 32.35 -2.10
CA CYS A 225 -9.99 32.09 -0.99
C CYS A 225 -10.26 33.01 0.19
N SER A 226 -9.95 32.54 1.39
CA SER A 226 -10.14 33.32 2.60
C SER A 226 -9.05 34.38 2.78
N VAL A 227 -7.85 34.09 2.25
CA VAL A 227 -6.71 35.01 2.32
C VAL A 227 -6.03 35.10 0.95
N GLY A 228 -5.40 36.25 0.67
CA GLY A 228 -4.59 36.42 -0.52
C GLY A 228 -4.75 37.74 -1.26
N ASP A 229 -3.95 37.90 -2.30
CA ASP A 229 -4.00 39.07 -3.20
C ASP A 229 -3.45 38.62 -4.56
N SER A 230 -4.35 38.40 -5.51
CA SER A 230 -4.01 37.83 -6.81
C SER A 230 -3.17 38.74 -7.70
N GLY A 231 -3.06 40.01 -7.33
CA GLY A 231 -2.29 40.99 -8.11
C GLY A 231 -0.90 41.26 -7.57
N ARG A 232 -0.59 40.69 -6.41
CA ARG A 232 0.70 40.92 -5.76
C ARG A 232 1.40 39.62 -5.37
N GLU A 233 0.67 38.71 -4.73
CA GLU A 233 1.24 37.48 -4.18
C GLU A 233 1.90 36.52 -5.18
N PRO A 234 1.29 36.32 -6.38
CA PRO A 234 1.97 35.51 -7.42
C PRO A 234 3.36 36.04 -7.78
N TYR A 235 3.50 37.36 -7.84
CA TYR A 235 4.76 38.01 -8.21
C TYR A 235 5.79 37.95 -7.08
N THR A 236 5.32 38.10 -5.85
CA THR A 236 6.18 37.97 -4.66
C THR A 236 6.73 36.55 -4.53
N ALA A 237 5.83 35.56 -4.62
CA ALA A 237 6.20 34.15 -4.49
C ALA A 237 7.23 33.74 -5.52
N CYS A 238 6.99 34.11 -6.77
CA CYS A 238 7.88 33.74 -7.86
C CYS A 238 9.20 34.53 -7.91
N HIS A 239 9.17 35.76 -7.41
CA HIS A 239 10.38 36.56 -7.22
C HIS A 239 11.31 35.85 -6.26
N HIS A 240 10.74 35.33 -5.18
CA HIS A 240 11.49 34.58 -4.16
C HIS A 240 12.02 33.24 -4.68
N GLN A 241 11.29 32.61 -5.60
CA GLN A 241 11.74 31.36 -6.23
C GLN A 241 12.94 31.60 -7.15
N LEU A 242 12.87 32.66 -7.97
CA LEU A 242 13.99 33.08 -8.80
C LEU A 242 15.23 33.41 -7.97
N LEU A 243 15.03 34.07 -6.84
CA LEU A 243 16.13 34.38 -5.92
C LEU A 243 16.68 33.15 -5.21
N ALA A 244 15.79 32.25 -4.78
CA ALA A 244 16.21 30.99 -4.16
C ALA A 244 16.93 30.08 -5.16
N HIS A 245 16.48 30.12 -6.42
CA HIS A 245 17.12 29.35 -7.49
C HIS A 245 18.54 29.84 -7.79
N ALA A 246 18.66 31.14 -8.03
CA ALA A 246 19.94 31.78 -8.35
C ALA A 246 20.97 31.62 -7.23
N GLU A 247 20.50 31.73 -5.98
CA GLU A 247 21.31 31.52 -4.80
C GLU A 247 21.81 30.08 -4.72
N THR A 248 20.95 29.14 -5.09
CA THR A 248 21.25 27.71 -5.04
C THR A 248 22.23 27.30 -6.14
N VAL A 249 22.04 27.86 -7.33
CA VAL A 249 22.96 27.63 -8.44
C VAL A 249 24.36 28.11 -8.06
N ARG A 250 24.44 29.34 -7.54
CA ARG A 250 25.68 29.92 -7.06
C ARG A 250 26.36 29.01 -6.05
N LEU A 251 25.60 28.58 -5.05
CA LEU A 251 26.08 27.66 -4.02
C LEU A 251 26.60 26.36 -4.61
N TYR A 252 25.85 25.80 -5.57
CA TYR A 252 26.25 24.55 -6.21
C TYR A 252 27.59 24.69 -6.95
N LYS A 253 27.73 25.77 -7.71
CA LYS A 253 28.94 26.02 -8.49
C LYS A 253 30.15 26.37 -7.62
N ALA A 254 29.89 26.97 -6.47
CA ALA A 254 30.92 27.43 -5.56
C ALA A 254 31.51 26.29 -4.72
N LYS A 255 30.64 25.39 -4.26
CA LYS A 255 31.07 24.35 -3.30
C LYS A 255 31.00 22.91 -3.83
N TYR A 256 30.21 22.66 -4.86
CA TYR A 256 29.90 21.29 -5.25
C TYR A 256 30.29 20.88 -6.66
N GLN A 257 30.10 21.79 -7.62
CA GLN A 257 30.31 21.47 -9.02
C GLN A 257 31.73 20.99 -9.37
N ALA A 258 32.74 21.54 -8.70
CA ALA A 258 34.13 21.19 -9.00
C ALA A 258 34.44 19.73 -8.75
N LEU A 259 33.98 19.19 -7.63
CA LEU A 259 34.27 17.80 -7.27
C LEU A 259 33.19 16.81 -7.65
N GLN A 260 31.96 17.29 -7.80
CA GLN A 260 30.83 16.43 -8.17
C GLN A 260 30.52 16.45 -9.66
N LYS A 261 30.89 17.55 -10.32
CA LYS A 261 30.78 17.72 -11.78
C LYS A 261 29.39 17.42 -12.35
N GLY A 262 28.36 17.90 -11.65
CA GLY A 262 26.99 17.80 -12.14
C GLY A 262 26.54 19.09 -12.78
N LYS A 263 25.31 19.09 -13.29
CA LYS A 263 24.69 20.28 -13.86
C LYS A 263 23.46 20.66 -13.07
N ILE A 264 23.19 21.96 -13.00
CA ILE A 264 22.03 22.49 -12.29
C ILE A 264 21.22 23.41 -13.20
N GLY A 265 19.91 23.25 -13.17
CA GLY A 265 19.02 24.06 -13.99
C GLY A 265 17.70 24.33 -13.31
N ILE A 266 16.72 24.72 -14.10
CA ILE A 266 15.36 25.02 -13.62
C ILE A 266 14.38 24.58 -14.70
N THR A 267 13.20 24.12 -14.27
CA THR A 267 12.18 23.64 -15.20
C THR A 267 11.07 24.67 -15.40
N LEU A 268 10.89 25.10 -16.65
CA LEU A 268 9.90 26.11 -17.00
C LEU A 268 8.87 25.55 -17.98
N VAL A 269 7.64 26.00 -17.85
CA VAL A 269 6.56 25.59 -18.74
C VAL A 269 6.13 26.74 -19.65
N SER A 270 5.76 26.40 -20.88
CA SER A 270 5.12 27.34 -21.77
C SER A 270 4.16 26.63 -22.70
N HIS A 271 3.00 27.25 -22.94
CA HIS A 271 2.15 26.87 -24.07
C HIS A 271 2.72 27.56 -25.31
N TRP A 272 2.27 27.13 -26.48
CA TRP A 272 2.48 27.93 -27.67
C TRP A 272 1.24 28.80 -27.85
N PHE A 273 1.45 30.07 -28.19
CA PHE A 273 0.33 30.99 -28.34
C PHE A 273 0.09 31.39 -29.79
N VAL A 274 -1.05 30.94 -30.31
CA VAL A 274 -1.48 31.30 -31.66
C VAL A 274 -2.35 32.56 -31.57
N PRO A 275 -1.97 33.61 -32.33
CA PRO A 275 -2.81 34.82 -32.37
C PRO A 275 -4.24 34.48 -32.76
N PHE A 276 -5.21 35.06 -32.06
CA PHE A 276 -6.63 34.77 -32.31
C PHE A 276 -7.00 35.06 -33.77
N SER A 277 -6.54 36.19 -34.28
CA SER A 277 -6.65 36.52 -35.71
C SER A 277 -5.29 36.99 -36.22
N ARG A 278 -5.23 37.31 -37.52
CA ARG A 278 -3.97 37.72 -38.15
C ARG A 278 -3.63 39.20 -37.93
N SER A 279 -4.47 39.89 -37.16
CA SER A 279 -4.23 41.30 -36.83
C SER A 279 -2.98 41.45 -35.98
N LYS A 280 -2.35 42.61 -36.05
CA LYS A 280 -1.16 42.87 -35.25
C LYS A 280 -1.48 42.90 -33.75
N SER A 281 -2.67 43.40 -33.41
CA SER A 281 -3.17 43.44 -32.04
C SER A 281 -3.12 42.05 -31.37
N ASN A 282 -3.63 41.05 -32.09
CA ASN A 282 -3.66 39.66 -31.59
C ASN A 282 -2.30 38.96 -31.66
N ASN A 283 -1.45 39.43 -32.56
CA ASN A 283 -0.06 39.00 -32.59
C ASN A 283 0.72 39.53 -31.39
N ASP A 284 0.40 40.76 -30.98
CA ASP A 284 1.02 41.37 -29.81
C ASP A 284 0.50 40.75 -28.50
N ALA A 285 -0.76 40.31 -28.52
CA ALA A 285 -1.37 39.63 -27.38
C ALA A 285 -0.71 38.26 -27.14
N ALA A 286 -0.41 37.56 -28.23
CA ALA A 286 0.32 36.29 -28.19
C ALA A 286 1.73 36.47 -27.62
N LYS A 287 2.35 37.60 -27.96
CA LYS A 287 3.68 37.95 -27.45
C LYS A 287 3.64 38.27 -25.95
N ARG A 288 2.59 38.96 -25.52
CA ARG A 288 2.40 39.26 -24.10
C ARG A 288 2.07 38.01 -23.30
N ALA A 289 1.30 37.11 -23.90
CA ALA A 289 0.97 35.81 -23.30
C ALA A 289 2.22 34.99 -22.94
N ILE A 290 3.13 34.84 -23.91
CA ILE A 290 4.38 34.10 -23.67
C ILE A 290 5.35 34.84 -22.72
N ASP A 291 5.36 36.17 -22.80
CA ASP A 291 6.16 36.99 -21.88
C ASP A 291 5.74 36.78 -20.42
N PHE A 292 4.43 36.71 -20.18
CA PHE A 292 3.90 36.60 -18.84
C PHE A 292 4.01 35.20 -18.24
N MET A 293 3.89 34.20 -19.11
CA MET A 293 3.99 32.80 -18.68
C MET A 293 5.43 32.34 -18.61
N PHE A 294 6.19 32.63 -19.66
CA PHE A 294 7.50 32.02 -19.88
C PHE A 294 8.64 33.03 -19.67
N GLY A 295 8.53 34.20 -20.30
CA GLY A 295 9.52 35.27 -20.16
C GLY A 295 9.68 35.74 -18.73
N TRP A 296 8.60 35.62 -17.95
CA TRP A 296 8.58 35.89 -16.52
C TRP A 296 9.82 35.33 -15.81
N PHE A 297 10.28 34.17 -16.28
CA PHE A 297 11.44 33.50 -15.71
C PHE A 297 12.63 33.51 -16.66
N MET A 298 12.36 33.42 -17.96
CA MET A 298 13.43 33.36 -18.96
C MET A 298 14.20 34.66 -19.13
N ASP A 299 13.49 35.78 -19.18
CA ASP A 299 14.13 37.10 -19.29
C ASP A 299 15.09 37.41 -18.14
N PRO A 300 14.66 37.19 -16.87
CA PRO A 300 15.62 37.31 -15.76
C PRO A 300 16.83 36.38 -15.88
N LEU A 301 16.62 35.16 -16.40
CA LEU A 301 17.71 34.19 -16.53
C LEU A 301 18.69 34.50 -17.67
N ILE A 302 18.16 35.08 -18.74
CA ILE A 302 18.97 35.40 -19.93
C ILE A 302 19.44 36.87 -19.93
N ARG A 303 18.52 37.78 -19.59
CA ARG A 303 18.75 39.22 -19.73
C ARG A 303 18.91 39.97 -18.40
N GLY A 304 18.65 39.29 -17.29
CA GLY A 304 18.86 39.86 -15.96
C GLY A 304 17.72 40.69 -15.37
N ASP A 305 16.62 40.81 -16.10
CA ASP A 305 15.45 41.52 -15.60
C ASP A 305 14.17 40.91 -16.16
N TYR A 306 13.04 41.23 -15.54
CA TYR A 306 11.72 40.80 -16.03
C TYR A 306 11.43 41.36 -17.43
N PRO A 307 10.51 40.70 -18.18
CA PRO A 307 10.10 41.24 -19.49
C PRO A 307 9.63 42.69 -19.41
N LEU A 308 9.83 43.44 -20.49
CA LEU A 308 9.39 44.83 -20.57
C LEU A 308 7.88 44.95 -20.40
N SER A 309 7.14 44.05 -21.05
CA SER A 309 5.68 44.05 -20.96
C SER A 309 5.21 43.85 -19.52
N MET A 310 5.94 43.06 -18.74
CA MET A 310 5.59 42.80 -17.35
C MET A 310 5.87 44.01 -16.46
N ARG A 311 7.05 44.62 -16.64
CA ARG A 311 7.42 45.82 -15.90
C ARG A 311 6.46 46.99 -16.17
N GLY A 312 6.10 47.17 -17.45
CA GLY A 312 5.16 48.20 -17.85
C GLY A 312 3.74 48.01 -17.35
N LEU A 313 3.20 46.80 -17.54
CA LEU A 313 1.80 46.53 -17.22
C LEU A 313 1.51 46.30 -15.74
N VAL A 314 2.46 45.68 -15.04
CA VAL A 314 2.26 45.32 -13.63
C VAL A 314 2.74 46.45 -12.70
N GLY A 315 3.80 47.14 -13.09
CA GLY A 315 4.31 48.29 -12.36
C GLY A 315 4.86 47.92 -10.99
N ASN A 316 4.44 48.65 -9.97
CA ASN A 316 4.96 48.46 -8.61
C ASN A 316 4.46 47.18 -7.91
N ARG A 317 3.53 46.47 -8.55
CA ARG A 317 3.07 45.18 -8.05
C ARG A 317 4.07 44.07 -8.40
N LEU A 318 4.94 44.36 -9.37
CA LEU A 318 6.05 43.47 -9.72
C LEU A 318 7.31 43.91 -8.97
N PRO A 319 7.91 43.00 -8.19
CA PRO A 319 9.14 43.32 -7.45
C PRO A 319 10.30 43.66 -8.38
N GLN A 320 11.25 44.43 -7.87
CA GLN A 320 12.40 44.86 -8.65
C GLN A 320 13.69 44.22 -8.16
N PHE A 321 14.47 43.71 -9.10
CA PHE A 321 15.79 43.17 -8.80
C PHE A 321 16.75 44.32 -8.52
N THR A 322 17.55 44.18 -7.48
CA THR A 322 18.69 45.08 -7.27
C THR A 322 19.77 44.74 -8.29
N LYS A 323 20.67 45.68 -8.55
CA LYS A 323 21.77 45.49 -9.50
C LYS A 323 22.52 44.19 -9.20
N GLU A 324 22.69 43.92 -7.91
CA GLU A 324 23.38 42.72 -7.43
C GLU A 324 22.57 41.44 -7.67
N GLN A 325 21.25 41.53 -7.44
CA GLN A 325 20.33 40.42 -7.68
C GLN A 325 20.20 40.10 -9.16
N SER A 326 20.18 41.15 -9.98
CA SER A 326 20.15 41.03 -11.44
C SER A 326 21.39 40.28 -11.95
N LYS A 327 22.56 40.62 -11.40
CA LYS A 327 23.82 39.94 -11.70
C LYS A 327 23.77 38.46 -11.35
N LEU A 328 23.13 38.14 -10.24
CA LEU A 328 23.04 36.76 -9.74
C LEU A 328 22.12 35.87 -10.57
N VAL A 329 20.95 36.37 -10.94
CA VAL A 329 19.97 35.61 -11.69
C VAL A 329 20.38 35.40 -13.16
N LYS A 330 21.02 36.41 -13.75
CA LYS A 330 21.45 36.32 -15.15
C LYS A 330 22.52 35.25 -15.33
N GLY A 331 22.24 34.29 -16.21
CA GLY A 331 23.17 33.19 -16.50
C GLY A 331 23.24 32.12 -15.44
N ALA A 332 22.32 32.16 -14.47
CA ALA A 332 22.29 31.19 -13.38
C ALA A 332 21.66 29.86 -13.80
N PHE A 333 22.32 29.16 -14.71
CA PHE A 333 21.88 27.85 -15.19
C PHE A 333 22.93 27.17 -16.08
N ASP A 334 22.90 25.85 -16.08
CA ASP A 334 23.65 25.04 -17.04
C ASP A 334 22.74 24.59 -18.18
N PHE A 335 21.48 24.35 -17.83
CA PHE A 335 20.43 23.99 -18.79
C PHE A 335 19.09 24.59 -18.35
N ILE A 336 18.13 24.62 -19.26
CA ILE A 336 16.75 24.92 -18.93
C ILE A 336 15.90 23.70 -19.22
N GLY A 337 15.16 23.25 -18.21
CA GLY A 337 14.11 22.26 -18.42
C GLY A 337 12.90 22.94 -19.03
N LEU A 338 12.39 22.36 -20.11
CA LEU A 338 11.26 22.93 -20.82
C LEU A 338 10.10 21.96 -20.88
N ASN A 339 8.95 22.41 -20.41
CA ASN A 339 7.73 21.62 -20.44
C ASN A 339 6.76 22.15 -21.48
N TYR A 340 6.20 21.24 -22.27
CA TYR A 340 5.19 21.59 -23.27
C TYR A 340 4.06 20.57 -23.28
N TYR A 341 2.82 21.06 -23.36
CA TYR A 341 1.64 20.19 -23.42
CA TYR A 341 1.64 20.19 -23.43
C TYR A 341 0.69 20.60 -24.54
N THR A 342 0.41 21.91 -24.64
CA THR A 342 -0.65 22.42 -25.51
C THR A 342 -0.40 23.81 -26.07
N ALA A 343 -1.37 24.30 -26.83
CA ALA A 343 -1.40 25.66 -27.34
C ALA A 343 -2.72 26.34 -27.00
N ASN A 344 -2.66 27.66 -26.86
CA ASN A 344 -3.85 28.49 -26.70
C ASN A 344 -3.92 29.54 -27.80
N TYR A 345 -5.13 29.98 -28.14
CA TYR A 345 -5.31 31.21 -28.88
C TYR A 345 -5.15 32.39 -27.94
N ALA A 346 -4.50 33.45 -28.42
CA ALA A 346 -4.35 34.67 -27.64
C ALA A 346 -5.06 35.84 -28.31
N ASP A 347 -6.00 36.42 -27.58
CA ASP A 347 -6.82 37.52 -28.06
C ASP A 347 -6.56 38.73 -27.19
N ASN A 348 -6.52 39.91 -27.80
CA ASN A 348 -6.29 41.16 -27.09
C ASN A 348 -7.43 41.50 -26.11
N LEU A 349 -7.06 41.89 -24.90
CA LEU A 349 -8.00 42.35 -23.90
C LEU A 349 -7.83 43.85 -23.65
N PRO A 350 -8.95 44.61 -23.68
CA PRO A 350 -8.90 46.00 -23.25
C PRO A 350 -8.60 46.09 -21.74
N PRO A 351 -7.94 47.19 -21.29
CA PRO A 351 -7.65 47.40 -19.87
C PRO A 351 -8.85 47.23 -18.93
N SER A 352 -8.57 46.83 -17.70
CA SER A 352 -9.59 46.33 -16.76
C SER A 352 -10.56 47.34 -16.12
N ASN A 353 -10.11 48.46 -15.55
CA ASN A 353 -8.71 48.93 -15.51
C ASN A 353 -8.49 49.50 -14.11
N GLY A 354 -8.73 48.61 -13.14
CA GLY A 354 -9.41 48.94 -11.91
C GLY A 354 -9.04 48.23 -10.63
N LEU A 355 -10.05 47.68 -9.96
CA LEU A 355 -9.89 47.18 -8.59
C LEU A 355 -9.86 45.65 -8.51
N ASN A 356 -9.82 45.02 -9.67
CA ASN A 356 -9.78 43.56 -9.78
C ASN A 356 -8.46 43.08 -10.40
N ASN A 357 -7.35 43.70 -9.99
CA ASN A 357 -6.04 43.33 -10.49
C ASN A 357 -5.64 41.92 -10.08
N SER A 358 -5.23 41.14 -11.08
CA SER A 358 -4.85 39.74 -10.90
C SER A 358 -3.82 39.35 -11.95
N TYR A 359 -2.87 38.49 -11.56
CA TYR A 359 -1.91 37.96 -12.52
C TYR A 359 -2.58 37.38 -13.76
N THR A 360 -3.74 36.73 -13.56
CA THR A 360 -4.49 36.09 -14.64
C THR A 360 -4.84 37.05 -15.77
N THR A 361 -5.16 38.30 -15.44
CA THR A 361 -5.60 39.28 -16.43
C THR A 361 -4.54 40.34 -16.77
N ASP A 362 -3.47 40.38 -15.97
CA ASP A 362 -2.42 41.40 -16.10
C ASP A 362 -1.76 41.49 -17.47
N SER A 363 -1.73 40.37 -18.20
CA SER A 363 -1.10 40.31 -19.52
C SER A 363 -1.89 41.06 -20.60
N ARG A 364 -3.17 41.31 -20.33
CA ARG A 364 -4.11 41.90 -21.31
C ARG A 364 -4.27 40.97 -22.53
N ALA A 365 -4.11 39.68 -22.29
CA ALA A 365 -4.31 38.67 -23.32
C ALA A 365 -5.33 37.64 -22.83
N ASN A 366 -6.41 37.48 -23.61
CA ASN A 366 -7.42 36.49 -23.32
C ASN A 366 -7.06 35.15 -23.95
N LEU A 367 -6.95 34.12 -23.13
CA LEU A 367 -6.50 32.80 -23.59
C LEU A 367 -7.66 31.82 -23.71
N THR A 368 -7.79 31.23 -24.89
CA THR A 368 -8.83 30.25 -25.19
C THR A 368 -8.24 29.05 -25.93
N GLY A 369 -8.94 27.92 -25.89
CA GLY A 369 -8.56 26.74 -26.66
C GLY A 369 -9.52 26.49 -27.80
N VAL A 370 -10.51 27.36 -27.94
CA VAL A 370 -11.53 27.25 -28.97
C VAL A 370 -11.70 28.58 -29.72
N ARG A 371 -11.83 28.51 -31.04
CA ARG A 371 -12.10 29.68 -31.87
C ARG A 371 -13.17 29.34 -32.91
N ASN A 372 -14.24 30.14 -32.94
CA ASN A 372 -15.40 29.91 -33.79
C ASN A 372 -16.02 28.52 -33.62
N GLY A 373 -16.10 28.07 -32.38
CA GLY A 373 -16.63 26.74 -32.06
C GLY A 373 -15.72 25.57 -32.42
N ILE A 374 -14.51 25.89 -32.90
CA ILE A 374 -13.53 24.88 -33.28
C ILE A 374 -12.35 24.87 -32.30
N PRO A 375 -12.10 23.71 -31.65
CA PRO A 375 -10.98 23.61 -30.73
C PRO A 375 -9.65 23.59 -31.47
N ILE A 376 -8.66 24.26 -30.91
CA ILE A 376 -7.30 24.36 -31.47
C ILE A 376 -6.71 22.97 -31.80
N GLY A 377 -7.08 21.99 -30.99
CA GLY A 377 -6.72 20.59 -31.20
C GLY A 377 -7.68 19.71 -30.41
N PRO A 378 -7.62 18.38 -30.61
CA PRO A 378 -8.45 17.47 -29.83
C PRO A 378 -8.18 17.61 -28.33
N GLN A 379 -9.25 17.68 -27.54
CA GLN A 379 -9.16 17.88 -26.11
C GLN A 379 -8.93 16.55 -25.39
N ALA A 380 -7.94 16.52 -24.50
CA ALA A 380 -7.65 15.35 -23.68
C ALA A 380 -8.57 15.33 -22.44
N ALA A 381 -8.28 14.45 -21.49
CA ALA A 381 -9.06 14.35 -20.25
C ALA A 381 -8.98 15.63 -19.43
N SER A 382 -7.78 16.23 -19.37
CA SER A 382 -7.61 17.56 -18.80
C SER A 382 -8.20 18.58 -19.77
N PRO A 383 -9.17 19.38 -19.29
CA PRO A 383 -9.88 20.33 -20.16
C PRO A 383 -8.96 21.43 -20.71
N TRP A 384 -7.86 21.68 -20.02
CA TRP A 384 -6.87 22.66 -20.46
C TRP A 384 -5.89 22.10 -21.51
N LEU A 385 -5.92 20.79 -21.69
CA LEU A 385 -4.99 20.09 -22.58
C LEU A 385 -5.58 19.80 -23.97
N TYR A 386 -5.13 20.57 -24.96
CA TYR A 386 -5.50 20.37 -26.36
C TYR A 386 -4.29 19.86 -27.14
N VAL A 387 -4.48 18.79 -27.90
CA VAL A 387 -3.39 18.16 -28.65
C VAL A 387 -3.01 19.01 -29.87
N TYR A 388 -1.83 19.61 -29.79
CA TYR A 388 -1.34 20.51 -30.84
C TYR A 388 0.18 20.36 -30.97
N PRO A 389 0.62 19.26 -31.64
CA PRO A 389 2.06 18.95 -31.73
C PRO A 389 2.90 20.01 -32.46
N GLN A 390 2.28 20.76 -33.35
CA GLN A 390 2.96 21.81 -34.13
C GLN A 390 3.58 22.89 -33.24
N GLY A 391 2.89 23.23 -32.15
CA GLY A 391 3.36 24.26 -31.22
C GLY A 391 4.58 23.87 -30.40
N PHE A 392 4.88 22.57 -30.38
CA PHE A 392 6.07 22.04 -29.70
C PHE A 392 7.32 22.55 -30.42
N ARG A 393 7.38 22.29 -31.72
CA ARG A 393 8.43 22.82 -32.59
C ARG A 393 8.49 24.35 -32.55
N ASP A 394 7.32 24.98 -32.64
CA ASP A 394 7.21 26.44 -32.62
C ASP A 394 7.82 27.08 -31.38
N LEU A 395 7.56 26.48 -30.21
CA LEU A 395 8.12 26.94 -28.94
C LEU A 395 9.64 26.78 -28.88
N LEU A 396 10.13 25.62 -29.32
CA LEU A 396 11.56 25.32 -29.29
C LEU A 396 12.38 26.25 -30.19
N LEU A 397 11.83 26.53 -31.37
CA LEU A 397 12.45 27.48 -32.30
C LEU A 397 12.35 28.93 -31.82
N TYR A 398 11.29 29.25 -31.08
CA TYR A 398 11.14 30.56 -30.45
C TYR A 398 12.23 30.75 -29.39
N VAL A 399 12.51 29.70 -28.61
CA VAL A 399 13.54 29.74 -27.57
C VAL A 399 14.91 29.83 -28.20
N LYS A 400 15.09 29.12 -29.32
CA LYS A 400 16.32 29.15 -30.10
C LYS A 400 16.66 30.58 -30.57
N GLU A 401 15.68 31.25 -31.18
CA GLU A 401 15.91 32.54 -31.83
C GLU A 401 15.90 33.72 -30.86
N ASN A 402 15.18 33.60 -29.75
CA ASN A 402 14.96 34.73 -28.85
C ASN A 402 15.73 34.69 -27.52
N TYR A 403 16.35 33.56 -27.21
CA TYR A 403 17.03 33.41 -25.93
C TYR A 403 18.45 32.87 -26.03
N GLY A 404 19.02 32.92 -27.23
CA GLY A 404 20.39 32.49 -27.47
C GLY A 404 20.56 30.98 -27.50
N ASN A 405 19.49 30.27 -27.85
CA ASN A 405 19.50 28.81 -28.01
C ASN A 405 20.20 28.07 -26.86
N PRO A 406 19.67 28.20 -25.62
CA PRO A 406 20.31 27.57 -24.47
C PRO A 406 20.17 26.05 -24.47
N THR A 407 21.03 25.36 -23.72
CA THR A 407 20.92 23.92 -23.52
C THR A 407 19.57 23.61 -22.89
N VAL A 408 18.80 22.75 -23.56
CA VAL A 408 17.44 22.43 -23.14
C VAL A 408 17.24 20.92 -22.97
N TYR A 409 16.52 20.56 -21.92
CA TYR A 409 15.94 19.23 -21.79
C TYR A 409 14.44 19.40 -21.75
N ILE A 410 13.73 18.59 -22.52
CA ILE A 410 12.28 18.53 -22.40
C ILE A 410 11.99 17.70 -21.15
N THR A 411 11.59 18.39 -20.09
CA THR A 411 11.45 17.77 -18.78
C THR A 411 10.04 17.24 -18.50
N GLU A 412 9.08 17.63 -19.33
CA GLU A 412 7.69 17.16 -19.26
C GLU A 412 6.98 17.30 -20.58
N ASN A 413 6.42 16.19 -21.05
CA ASN A 413 5.52 16.17 -22.21
C ASN A 413 4.64 14.94 -22.10
N GLY A 414 3.33 15.13 -22.25
CA GLY A 414 2.39 14.03 -22.09
C GLY A 414 0.93 14.39 -22.21
N VAL A 415 0.07 13.40 -21.94
CA VAL A 415 -1.36 13.48 -22.18
C VAL A 415 -2.11 12.52 -21.26
N ASP A 416 -3.40 12.76 -21.04
CA ASP A 416 -4.18 11.93 -20.13
C ASP A 416 -5.51 11.42 -20.69
N GLU A 417 -5.98 10.31 -20.14
CA GLU A 417 -7.33 9.81 -20.36
C GLU A 417 -8.07 9.84 -19.03
N PHE A 418 -9.39 9.71 -19.07
CA PHE A 418 -10.19 9.66 -17.86
C PHE A 418 -9.99 8.37 -17.10
N ASN A 419 -10.01 8.46 -15.78
CA ASN A 419 -10.09 7.28 -14.92
C ASN A 419 -11.54 6.80 -14.97
N ASN A 420 -11.73 5.62 -15.56
CA ASN A 420 -13.06 5.07 -15.77
C ASN A 420 -13.21 3.73 -15.06
N LYS A 421 -13.92 3.75 -13.93
CA LYS A 421 -14.12 2.56 -13.10
C LYS A 421 -14.95 1.45 -13.75
N THR A 422 -15.68 1.79 -14.81
CA THR A 422 -16.54 0.82 -15.49
C THR A 422 -15.81 0.00 -16.56
N LEU A 423 -14.75 0.55 -17.12
CA LEU A 423 -13.95 -0.15 -18.14
C LEU A 423 -13.24 -1.36 -17.56
N PRO A 424 -13.24 -2.48 -18.32
CA PRO A 424 -12.39 -3.62 -17.97
C PRO A 424 -10.92 -3.24 -18.14
N LEU A 425 -10.05 -3.85 -17.34
CA LEU A 425 -8.62 -3.54 -17.31
C LEU A 425 -7.96 -3.53 -18.70
N GLN A 426 -8.26 -4.54 -19.51
CA GLN A 426 -7.67 -4.68 -20.84
C GLN A 426 -8.01 -3.53 -21.79
N GLU A 427 -9.21 -2.94 -21.62
CA GLU A 427 -9.61 -1.79 -22.44
C GLU A 427 -8.99 -0.49 -21.93
N ALA A 428 -8.74 -0.44 -20.62
CA ALA A 428 -8.10 0.70 -19.99
C ALA A 428 -6.62 0.81 -20.39
N LEU A 429 -6.00 -0.32 -20.70
CA LEU A 429 -4.59 -0.37 -21.11
C LEU A 429 -4.37 0.06 -22.57
N LYS A 430 -5.45 0.10 -23.35
CA LYS A 430 -5.36 0.45 -24.77
C LYS A 430 -5.35 1.98 -24.97
N ASP A 431 -4.20 2.59 -24.70
CA ASP A 431 -4.06 4.04 -24.77
C ASP A 431 -3.48 4.52 -26.11
N ASP A 432 -4.25 4.30 -27.17
CA ASP A 432 -3.82 4.65 -28.53
C ASP A 432 -3.65 6.15 -28.70
N ALA A 433 -4.50 6.92 -28.03
CA ALA A 433 -4.41 8.39 -28.02
C ALA A 433 -3.07 8.88 -27.45
N ARG A 434 -2.56 8.20 -26.42
CA ARG A 434 -1.23 8.48 -25.86
C ARG A 434 -0.12 8.17 -26.84
N ILE A 435 -0.18 7.01 -27.49
CA ILE A 435 0.76 6.63 -28.54
C ILE A 435 0.79 7.68 -29.65
N GLU A 436 -0.41 8.05 -30.13
CA GLU A 436 -0.57 9.09 -31.14
C GLU A 436 0.06 10.41 -30.68
N TYR A 437 -0.18 10.77 -29.43
CA TYR A 437 0.35 12.01 -28.85
C TYR A 437 1.88 12.04 -28.88
N TYR A 438 2.50 10.95 -28.43
CA TYR A 438 3.96 10.86 -28.36
C TYR A 438 4.61 10.76 -29.73
N HIS A 439 3.99 10.00 -30.63
CA HIS A 439 4.48 9.86 -32.00
C HIS A 439 4.61 11.23 -32.67
N LYS A 440 3.55 12.02 -32.63
CA LYS A 440 3.51 13.33 -33.28
C LYS A 440 4.41 14.38 -32.63
N HIS A 441 4.48 14.36 -31.29
CA HIS A 441 5.31 15.30 -30.55
C HIS A 441 6.80 15.01 -30.70
N LEU A 442 7.16 13.73 -30.74
CA LEU A 442 8.56 13.33 -30.94
C LEU A 442 9.04 13.65 -32.36
N LEU A 443 8.15 13.51 -33.34
CA LEU A 443 8.42 13.94 -34.71
C LEU A 443 8.62 15.46 -34.78
N SER A 444 7.75 16.18 -34.10
CA SER A 444 7.81 17.64 -34.00
C SER A 444 9.10 18.09 -33.30
N LEU A 445 9.48 17.38 -32.24
CA LEU A 445 10.73 17.61 -31.52
C LEU A 445 11.94 17.34 -32.41
N LEU A 446 11.91 16.23 -33.14
CA LEU A 446 12.97 15.85 -34.07
C LEU A 446 13.22 16.92 -35.14
N SER A 447 12.16 17.43 -35.77
CA SER A 447 12.28 18.47 -36.79
C SER A 447 12.88 19.75 -36.23
N ALA A 448 12.52 20.08 -34.98
CA ALA A 448 13.06 21.24 -34.29
C ALA A 448 14.56 21.07 -34.03
N ILE A 449 14.96 19.86 -33.64
CA ILE A 449 16.37 19.54 -33.41
C ILE A 449 17.16 19.65 -34.72
N ARG A 450 16.57 19.13 -35.79
CA ARG A 450 17.21 19.17 -37.12
C ARG A 450 17.30 20.61 -37.67
N ASP A 451 16.42 21.49 -37.18
CA ASP A 451 16.49 22.91 -37.50
C ASP A 451 17.31 23.72 -36.48
N GLY A 452 18.01 23.00 -35.60
CA GLY A 452 19.04 23.60 -34.75
C GLY A 452 18.71 23.84 -33.29
N ALA A 453 17.56 23.37 -32.83
CA ALA A 453 17.19 23.51 -31.42
C ALA A 453 18.16 22.74 -30.52
N ASN A 454 18.71 23.44 -29.53
CA ASN A 454 19.73 22.92 -28.63
C ASN A 454 19.14 22.01 -27.54
N VAL A 455 18.45 20.96 -27.97
CA VAL A 455 17.77 20.02 -27.07
C VAL A 455 18.60 18.74 -26.87
N LYS A 456 18.84 18.39 -25.61
CA LYS A 456 19.74 17.30 -25.24
C LYS A 456 19.03 16.04 -24.72
N GLY A 457 17.77 16.19 -24.36
CA GLY A 457 17.00 15.08 -23.80
C GLY A 457 15.50 15.30 -23.74
N TYR A 458 14.76 14.24 -23.42
CA TYR A 458 13.31 14.25 -23.42
C TYR A 458 12.74 13.35 -22.30
N PHE A 459 11.84 13.91 -21.49
CA PHE A 459 11.20 13.19 -20.40
C PHE A 459 9.68 13.20 -20.53
N ALA A 460 9.10 12.01 -20.59
CA ALA A 460 7.66 11.84 -20.71
C ALA A 460 6.95 11.95 -19.36
N TRP A 461 5.92 12.79 -19.31
CA TRP A 461 4.97 12.74 -18.19
C TRP A 461 3.79 11.84 -18.56
N SER A 462 3.62 10.71 -17.87
CA SER A 462 4.38 10.31 -16.69
C SER A 462 4.67 8.81 -16.76
N LEU A 463 5.58 8.31 -15.92
CA LEU A 463 5.85 6.86 -15.85
C LEU A 463 4.62 6.09 -15.39
N LEU A 464 3.99 6.58 -14.35
CA LEU A 464 2.82 5.94 -13.76
C LEU A 464 1.65 6.91 -13.67
N ASP A 465 0.44 6.37 -13.60
CA ASP A 465 -0.72 7.17 -13.18
C ASP A 465 -0.41 7.62 -11.76
N ASN A 466 -0.86 8.83 -11.43
CA ASN A 466 -0.54 9.45 -10.15
C ASN A 466 -1.59 10.47 -9.74
N PHE A 467 -1.37 11.11 -8.59
CA PHE A 467 -2.24 12.17 -8.09
C PHE A 467 -2.10 13.42 -8.95
N GLU A 468 -3.13 13.72 -9.73
CA GLU A 468 -3.09 14.87 -10.62
C GLU A 468 -3.68 16.13 -9.96
N TRP A 469 -3.07 16.49 -8.83
CA TRP A 469 -3.36 17.73 -8.12
C TRP A 469 -4.87 17.98 -7.90
N SER A 470 -5.38 19.10 -8.39
CA SER A 470 -6.79 19.46 -8.20
C SER A 470 -7.76 18.54 -8.95
N ASN A 471 -7.23 17.67 -9.81
CA ASN A 471 -8.02 16.65 -10.50
C ASN A 471 -7.99 15.28 -9.82
N GLY A 472 -7.15 15.14 -8.80
CA GLY A 472 -7.01 13.90 -8.05
C GLY A 472 -6.67 12.72 -8.94
N TYR A 473 -7.46 11.65 -8.81
CA TYR A 473 -7.25 10.42 -9.56
C TYR A 473 -8.29 10.24 -10.66
N THR A 474 -8.94 11.35 -11.04
CA THR A 474 -9.97 11.34 -12.09
C THR A 474 -9.37 11.23 -13.49
N VAL A 475 -8.09 11.56 -13.61
CA VAL A 475 -7.38 11.49 -14.89
C VAL A 475 -6.08 10.70 -14.76
N ARG A 476 -5.67 10.05 -15.85
CA ARG A 476 -4.50 9.17 -15.85
C ARG A 476 -3.47 9.60 -16.90
N PHE A 477 -2.31 10.06 -16.43
CA PHE A 477 -1.23 10.53 -17.31
C PHE A 477 -0.18 9.46 -17.63
N GLY A 478 -0.25 8.31 -16.97
CA GLY A 478 0.83 7.33 -16.99
C GLY A 478 1.01 6.49 -18.24
N ILE A 479 2.25 6.11 -18.51
CA ILE A 479 2.56 5.12 -19.51
C ILE A 479 2.26 3.73 -18.92
N ASN A 480 2.28 3.65 -17.60
CA ASN A 480 1.88 2.45 -16.88
C ASN A 480 0.64 2.72 -16.01
N PHE A 481 -0.29 1.77 -16.02
CA PHE A 481 -1.54 1.85 -15.26
C PHE A 481 -1.29 1.54 -13.78
N VAL A 482 -1.92 2.30 -12.90
CA VAL A 482 -1.88 2.01 -11.47
C VAL A 482 -3.29 1.68 -11.00
N ASP A 483 -3.46 0.47 -10.48
CA ASP A 483 -4.75 0.03 -9.95
C ASP A 483 -4.87 0.42 -8.49
N TYR A 484 -5.44 1.59 -8.25
CA TYR A 484 -5.61 2.12 -6.90
C TYR A 484 -6.51 1.24 -6.02
N ASN A 485 -7.37 0.46 -6.65
CA ASN A 485 -8.29 -0.42 -5.93
C ASN A 485 -7.77 -1.84 -5.72
N ASP A 486 -6.59 -2.12 -6.28
CA ASP A 486 -5.95 -3.42 -6.13
C ASP A 486 -4.49 -3.23 -5.70
N GLY A 487 -4.29 -2.56 -4.56
CA GLY A 487 -2.96 -2.40 -3.95
C GLY A 487 -1.92 -1.65 -4.76
N ARG A 488 -2.38 -0.76 -5.64
CA ARG A 488 -1.51 0.05 -6.51
C ARG A 488 -0.66 -0.77 -7.48
N LYS A 489 -1.19 -1.92 -7.89
CA LYS A 489 -0.55 -2.77 -8.88
C LYS A 489 -0.32 -2.00 -10.19
N ARG A 490 0.86 -2.19 -10.77
CA ARG A 490 1.21 -1.56 -12.03
C ARG A 490 0.98 -2.49 -13.22
N TYR A 491 0.38 -1.96 -14.27
CA TYR A 491 0.23 -2.68 -15.54
C TYR A 491 0.71 -1.80 -16.67
N PRO A 492 1.63 -2.30 -17.51
CA PRO A 492 2.02 -1.57 -18.71
C PRO A 492 0.82 -1.31 -19.63
N LYS A 493 0.70 -0.06 -20.11
CA LYS A 493 -0.30 0.26 -21.13
C LYS A 493 0.32 -0.01 -22.50
N ASN A 494 -0.48 0.07 -23.56
CA ASN A 494 0.03 -0.15 -24.92
C ASN A 494 1.20 0.78 -25.28
N SER A 495 1.20 1.99 -24.69
CA SER A 495 2.27 2.97 -24.90
C SER A 495 3.62 2.54 -24.31
N ALA A 496 3.59 1.68 -23.30
CA ALA A 496 4.83 1.12 -22.73
C ALA A 496 5.53 0.25 -23.75
N HIS A 497 4.76 -0.59 -24.43
CA HIS A 497 5.27 -1.44 -25.51
C HIS A 497 5.76 -0.60 -26.70
N TRP A 498 5.06 0.50 -26.97
CA TRP A 498 5.43 1.41 -28.06
C TRP A 498 6.77 2.07 -27.79
N PHE A 499 6.97 2.54 -26.56
CA PHE A 499 8.23 3.15 -26.15
C PHE A 499 9.38 2.15 -26.16
N LYS A 500 9.09 0.89 -25.80
CA LYS A 500 10.08 -0.17 -25.86
C LYS A 500 10.64 -0.35 -27.28
N LYS A 501 9.74 -0.38 -28.27
CA LYS A 501 10.13 -0.45 -29.67
C LYS A 501 10.90 0.80 -30.08
N PHE A 502 10.38 1.97 -29.71
CA PHE A 502 10.99 3.25 -30.03
C PHE A 502 12.42 3.37 -29.49
N LEU A 503 12.64 2.84 -28.29
CA LEU A 503 13.90 3.01 -27.58
C LEU A 503 14.96 1.94 -27.86
N LEU A 504 14.66 1.06 -28.81
CA LEU A 504 15.60 0.04 -29.25
C LEU A 504 16.81 0.68 -29.89
N LYS A 505 17.95 0.16 -29.40
CA LYS A 505 19.32 0.63 -29.54
C LYS A 505 19.76 1.61 -28.45
N PRO B 28 -30.16 -8.40 29.77
CA PRO B 28 -29.55 -9.10 28.64
C PRO B 28 -28.04 -9.24 28.82
N VAL B 29 -27.45 -10.24 28.16
CA VAL B 29 -26.02 -10.53 28.29
C VAL B 29 -25.13 -9.37 27.81
N SER B 30 -24.09 -9.09 28.60
CA SER B 30 -23.13 -8.04 28.31
C SER B 30 -21.79 -8.47 28.90
N ARG B 31 -20.77 -7.62 28.79
CA ARG B 31 -19.47 -7.95 29.38
C ARG B 31 -19.55 -8.01 30.91
N ARG B 32 -20.51 -7.29 31.48
CA ARG B 32 -20.74 -7.27 32.94
C ARG B 32 -21.21 -8.63 33.47
N SER B 33 -21.84 -9.42 32.60
CA SER B 33 -22.25 -10.78 32.93
C SER B 33 -21.04 -11.70 33.13
N PHE B 34 -19.93 -11.35 32.49
CA PHE B 34 -18.72 -12.16 32.49
C PHE B 34 -17.82 -11.83 33.69
N PRO B 35 -16.92 -12.77 34.08
CA PRO B 35 -16.03 -12.54 35.22
C PRO B 35 -15.17 -11.30 35.07
N LYS B 36 -14.82 -10.69 36.19
CA LYS B 36 -13.95 -9.52 36.25
C LYS B 36 -12.60 -9.83 35.60
N GLY B 37 -12.15 -8.93 34.72
CA GLY B 37 -10.87 -9.11 34.03
C GLY B 37 -10.92 -10.00 32.79
N PHE B 38 -12.13 -10.43 32.43
CA PHE B 38 -12.33 -11.24 31.23
C PHE B 38 -11.98 -10.44 29.99
N ILE B 39 -11.20 -11.04 29.11
CA ILE B 39 -10.69 -10.35 27.93
C ILE B 39 -11.57 -10.60 26.70
N PHE B 40 -12.00 -9.50 26.08
CA PHE B 40 -12.75 -9.57 24.83
C PHE B 40 -11.93 -8.96 23.70
N GLY B 41 -11.87 -9.67 22.57
CA GLY B 41 -11.12 -9.20 21.42
C GLY B 41 -11.61 -9.70 20.09
N THR B 42 -10.85 -9.37 19.04
CA THR B 42 -11.09 -9.87 17.70
C THR B 42 -9.83 -10.55 17.18
N ALA B 43 -9.98 -11.39 16.15
CA ALA B 43 -8.84 -12.12 15.62
C ALA B 43 -8.61 -11.86 14.14
N SER B 44 -7.33 -11.88 13.75
CA SER B 44 -6.91 -11.75 12.36
C SER B 44 -5.69 -12.64 12.07
N SER B 45 -5.32 -12.74 10.80
CA SER B 45 -4.07 -13.38 10.42
C SER B 45 -3.36 -12.58 9.32
N SER B 46 -2.04 -12.75 9.26
CA SER B 46 -1.19 -11.98 8.35
C SER B 46 -1.55 -12.11 6.87
N TYR B 47 -1.57 -13.33 6.35
CA TYR B 47 -1.87 -13.54 4.93
C TYR B 47 -3.28 -13.08 4.53
N GLN B 48 -4.23 -13.17 5.47
CA GLN B 48 -5.62 -12.88 5.19
C GLN B 48 -5.94 -11.40 5.18
N TYR B 49 -5.16 -10.63 5.94
CA TYR B 49 -5.41 -9.21 6.18
C TYR B 49 -4.42 -8.26 5.50
N GLU B 50 -3.14 -8.56 5.62
CA GLU B 50 -2.06 -7.58 5.37
C GLU B 50 -1.96 -7.03 3.95
N GLY B 51 -1.89 -7.93 2.97
CA GLY B 51 -1.48 -7.53 1.63
C GLY B 51 -0.02 -7.11 1.68
N GLY B 52 0.37 -6.19 0.78
CA GLY B 52 1.77 -5.81 0.64
C GLY B 52 2.66 -7.05 0.61
N ALA B 53 2.22 -8.06 -0.13
CA ALA B 53 2.83 -9.39 -0.17
C ALA B 53 4.28 -9.36 -0.66
N ALA B 54 4.58 -8.49 -1.61
CA ALA B 54 5.95 -8.33 -2.13
C ALA B 54 6.50 -6.97 -1.75
N GLU B 55 5.97 -6.40 -0.66
CA GLU B 55 6.38 -5.10 -0.17
C GLU B 55 7.19 -5.23 1.11
N GLY B 56 8.07 -4.26 1.35
CA GLY B 56 8.84 -4.20 2.59
C GLY B 56 9.78 -5.37 2.80
N GLY B 57 10.20 -5.99 1.71
CA GLY B 57 11.18 -7.08 1.74
C GLY B 57 10.61 -8.44 2.09
N ARG B 58 9.29 -8.58 2.06
CA ARG B 58 8.65 -9.84 2.41
C ARG B 58 8.93 -10.91 1.36
N GLY B 59 9.38 -12.08 1.84
CA GLY B 59 9.58 -13.23 0.97
C GLY B 59 8.26 -13.96 0.73
N PRO B 60 8.20 -14.77 -0.34
CA PRO B 60 6.96 -15.51 -0.60
C PRO B 60 6.72 -16.65 0.40
N SER B 61 5.46 -16.87 0.74
CA SER B 61 5.06 -18.01 1.56
C SER B 61 4.40 -19.05 0.67
N ILE B 62 4.11 -20.21 1.25
CA ILE B 62 3.46 -21.31 0.52
C ILE B 62 2.06 -20.93 0.03
N TRP B 63 1.44 -19.97 0.70
CA TRP B 63 0.12 -19.47 0.28
C TRP B 63 0.19 -18.48 -0.88
N ASP B 64 1.30 -17.74 -1.00
CA ASP B 64 1.53 -16.92 -2.19
C ASP B 64 1.64 -17.83 -3.41
N THR B 65 2.45 -18.89 -3.28
CA THR B 65 2.69 -19.84 -4.35
C THR B 65 1.42 -20.59 -4.73
N PHE B 66 0.72 -21.09 -3.71
CA PHE B 66 -0.50 -21.88 -3.87
C PHE B 66 -1.59 -21.11 -4.63
N THR B 67 -1.81 -19.86 -4.26
CA THR B 67 -2.84 -19.04 -4.90
C THR B 67 -2.50 -18.62 -6.33
N HIS B 68 -1.21 -18.36 -6.59
CA HIS B 68 -0.78 -17.95 -7.92
C HIS B 68 -0.62 -19.12 -8.90
N GLN B 69 -0.06 -20.23 -8.41
CA GLN B 69 0.21 -21.38 -9.27
C GLN B 69 -0.96 -22.37 -9.36
N HIS B 70 -1.90 -22.26 -8.44
CA HIS B 70 -3.12 -23.09 -8.45
C HIS B 70 -4.37 -22.25 -8.21
N PRO B 71 -4.65 -21.26 -9.11
CA PRO B 71 -5.79 -20.37 -8.92
C PRO B 71 -7.14 -21.09 -8.93
N GLU B 72 -7.18 -22.28 -9.54
CA GLU B 72 -8.41 -23.07 -9.67
C GLU B 72 -8.82 -23.72 -8.35
N LYS B 73 -7.88 -23.74 -7.40
CA LYS B 73 -8.17 -24.26 -6.05
C LYS B 73 -8.78 -23.20 -5.15
N ILE B 74 -8.84 -21.96 -5.64
CA ILE B 74 -9.50 -20.86 -4.95
C ILE B 74 -10.82 -20.57 -5.66
N ALA B 75 -11.89 -20.45 -4.88
CA ALA B 75 -13.26 -20.29 -5.42
C ALA B 75 -13.42 -19.17 -6.45
N ASP B 76 -12.75 -18.05 -6.21
CA ASP B 76 -12.84 -16.89 -7.10
C ASP B 76 -11.50 -16.55 -7.76
N ARG B 77 -10.59 -17.53 -7.79
CA ARG B 77 -9.29 -17.41 -8.45
C ARG B 77 -8.45 -16.26 -7.88
N SER B 78 -8.65 -15.94 -6.61
CA SER B 78 -8.02 -14.77 -5.99
C SER B 78 -6.81 -15.13 -5.14
N ASN B 79 -6.13 -14.11 -4.63
CA ASN B 79 -4.97 -14.30 -3.77
C ASN B 79 -4.88 -13.22 -2.68
N GLY B 80 -3.85 -13.33 -1.84
CA GLY B 80 -3.65 -12.38 -0.75
C GLY B 80 -2.63 -11.30 -1.04
N ASP B 81 -2.42 -10.98 -2.33
CA ASP B 81 -1.50 -9.91 -2.72
C ASP B 81 -1.86 -8.59 -2.04
N VAL B 82 -3.15 -8.25 -2.05
CA VAL B 82 -3.64 -7.01 -1.44
C VAL B 82 -4.45 -7.32 -0.18
N ALA B 83 -5.27 -8.37 -0.26
CA ALA B 83 -6.13 -8.80 0.84
C ALA B 83 -6.99 -7.66 1.37
N SER B 84 -6.91 -7.38 2.67
CA SER B 84 -7.64 -6.27 3.29
C SER B 84 -6.77 -5.02 3.39
N ASP B 85 -5.54 -5.12 2.86
CA ASP B 85 -4.57 -4.03 2.81
C ASP B 85 -4.23 -3.45 4.20
N SER B 86 -4.19 -4.32 5.20
CA SER B 86 -3.88 -3.91 6.57
C SER B 86 -2.41 -3.53 6.74
N TYR B 87 -1.58 -3.86 5.77
CA TYR B 87 -0.17 -3.43 5.77
C TYR B 87 -0.09 -1.91 5.74
N HIS B 88 -1.02 -1.30 5.01
CA HIS B 88 -1.14 0.16 4.91
C HIS B 88 -2.18 0.73 5.87
N LEU B 89 -3.24 -0.04 6.11
CA LEU B 89 -4.42 0.48 6.82
C LEU B 89 -4.58 0.03 8.27
N TYR B 90 -3.54 -0.56 8.85
CA TYR B 90 -3.59 -1.08 10.23
C TYR B 90 -4.08 -0.07 11.28
N LYS B 91 -3.79 1.20 11.06
CA LYS B 91 -4.20 2.26 11.99
C LYS B 91 -5.73 2.41 12.04
N GLU B 92 -6.37 2.19 10.90
CA GLU B 92 -7.83 2.16 10.82
C GLU B 92 -8.38 0.94 11.57
N ASP B 93 -7.70 -0.21 11.43
CA ASP B 93 -8.08 -1.42 12.16
C ASP B 93 -8.14 -1.16 13.66
N VAL B 94 -7.07 -0.56 14.18
CA VAL B 94 -6.95 -0.25 15.60
C VAL B 94 -8.06 0.71 16.05
N ARG B 95 -8.33 1.71 15.21
CA ARG B 95 -9.41 2.66 15.44
C ARG B 95 -10.76 1.95 15.52
N LEU B 96 -11.00 1.02 14.60
CA LEU B 96 -12.26 0.30 14.53
C LEU B 96 -12.51 -0.61 15.74
N MET B 97 -11.48 -1.30 16.20
CA MET B 97 -11.60 -2.19 17.36
C MET B 97 -11.70 -1.41 18.67
N LYS B 98 -11.04 -0.25 18.72
CA LYS B 98 -11.13 0.64 19.87
C LYS B 98 -12.53 1.25 20.00
N ASP B 99 -13.13 1.67 18.88
CA ASP B 99 -14.51 2.19 18.86
C ASP B 99 -15.51 1.20 19.44
N MET B 100 -15.25 -0.10 19.25
CA MET B 100 -16.12 -1.13 19.82
C MET B 100 -15.85 -1.38 21.29
N GLY B 101 -14.66 -1.02 21.75
CA GLY B 101 -14.25 -1.22 23.15
C GLY B 101 -13.57 -2.56 23.40
N MET B 102 -12.90 -3.08 22.38
CA MET B 102 -12.18 -4.34 22.47
C MET B 102 -10.96 -4.20 23.37
N ASP B 103 -10.71 -5.22 24.20
CA ASP B 103 -9.59 -5.22 25.13
C ASP B 103 -8.30 -5.69 24.45
N ALA B 104 -8.44 -6.66 23.54
CA ALA B 104 -7.28 -7.33 22.96
C ALA B 104 -7.45 -7.61 21.47
N TYR B 105 -6.33 -7.85 20.81
CA TYR B 105 -6.31 -8.13 19.38
C TYR B 105 -5.45 -9.33 19.13
N ARG B 106 -6.02 -10.33 18.48
CA ARG B 106 -5.26 -11.49 18.04
C ARG B 106 -4.81 -11.26 16.60
N PHE B 107 -3.50 -11.18 16.39
CA PHE B 107 -2.96 -11.11 15.04
C PHE B 107 -1.75 -12.02 14.89
N SER B 108 -1.37 -12.31 13.66
CA SER B 108 -0.20 -13.15 13.42
C SER B 108 0.91 -12.37 12.72
N ILE B 109 2.15 -12.79 12.96
CA ILE B 109 3.31 -12.27 12.27
C ILE B 109 3.59 -13.19 11.07
N SER B 110 3.86 -12.57 9.93
CA SER B 110 4.28 -13.30 8.75
C SER B 110 5.75 -13.67 8.89
N TRP B 111 6.00 -14.98 8.97
CA TRP B 111 7.35 -15.54 9.04
C TRP B 111 8.29 -14.93 8.00
N THR B 112 7.82 -14.83 6.74
CA THR B 112 8.65 -14.31 5.65
C THR B 112 8.73 -12.78 5.57
N ARG B 113 7.99 -12.08 6.44
CA ARG B 113 8.19 -10.64 6.59
C ARG B 113 9.39 -10.40 7.51
N ILE B 114 9.67 -11.36 8.37
CA ILE B 114 10.79 -11.29 9.33
C ILE B 114 12.03 -11.98 8.75
N LEU B 115 11.85 -13.20 8.26
CA LEU B 115 12.91 -13.97 7.61
C LEU B 115 12.44 -14.35 6.21
N PRO B 116 12.78 -13.51 5.21
CA PRO B 116 12.27 -13.65 3.84
C PRO B 116 12.50 -15.05 3.22
N ASN B 117 13.57 -15.73 3.61
CA ASN B 117 13.80 -17.10 3.16
C ASN B 117 13.65 -18.16 4.27
N GLY B 118 13.06 -17.77 5.40
CA GLY B 118 12.70 -18.70 6.47
C GLY B 118 13.74 -18.96 7.53
N SER B 119 15.01 -18.72 7.21
CA SER B 119 16.12 -19.01 8.10
C SER B 119 16.89 -17.75 8.50
N LEU B 120 17.61 -17.84 9.62
CA LEU B 120 18.51 -16.78 10.08
C LEU B 120 19.58 -16.43 9.05
N ARG B 121 20.24 -17.45 8.51
CA ARG B 121 21.32 -17.27 7.53
C ARG B 121 20.86 -16.49 6.29
N GLY B 122 19.58 -16.63 5.95
CA GLY B 122 18.98 -15.90 4.84
C GLY B 122 18.76 -14.41 5.10
N GLY B 123 19.00 -13.98 6.34
CA GLY B 123 18.94 -12.57 6.69
C GLY B 123 17.67 -12.14 7.40
N VAL B 124 17.81 -11.20 8.33
CA VAL B 124 16.68 -10.65 9.08
C VAL B 124 16.21 -9.35 8.43
N ASN B 125 14.91 -9.28 8.16
CA ASN B 125 14.31 -8.15 7.47
C ASN B 125 13.86 -7.06 8.44
N LYS B 126 14.64 -5.99 8.52
CA LYS B 126 14.38 -4.89 9.47
C LYS B 126 13.09 -4.14 9.18
N GLU B 127 12.72 -4.04 7.91
CA GLU B 127 11.45 -3.44 7.48
C GLU B 127 10.23 -4.21 8.00
N GLY B 128 10.36 -5.52 8.09
CA GLY B 128 9.31 -6.39 8.60
C GLY B 128 9.12 -6.18 10.09
N ILE B 129 10.23 -6.11 10.80
CA ILE B 129 10.25 -5.82 12.24
C ILE B 129 9.62 -4.45 12.52
N LYS B 130 9.92 -3.50 11.64
CA LYS B 130 9.41 -2.13 11.73
C LYS B 130 7.87 -2.11 11.66
N TYR B 131 7.30 -2.85 10.71
CA TYR B 131 5.85 -2.94 10.55
C TYR B 131 5.13 -3.45 11.80
N TYR B 132 5.61 -4.55 12.36
CA TYR B 132 4.97 -5.13 13.54
C TYR B 132 5.17 -4.30 14.79
N ASN B 133 6.32 -3.64 14.91
CA ASN B 133 6.52 -2.64 15.96
C ASN B 133 5.50 -1.51 15.86
N ASN B 134 5.32 -1.00 14.64
CA ASN B 134 4.30 0.01 14.36
C ASN B 134 2.88 -0.43 14.72
N LEU B 135 2.56 -1.68 14.41
CA LEU B 135 1.27 -2.26 14.77
C LEU B 135 1.12 -2.42 16.29
N ILE B 136 2.12 -3.02 16.93
CA ILE B 136 2.13 -3.22 18.38
C ILE B 136 2.00 -1.89 19.14
N ASN B 137 2.81 -0.91 18.73
CA ASN B 137 2.80 0.41 19.34
C ASN B 137 1.47 1.14 19.16
N GLU B 138 0.87 1.00 17.99
CA GLU B 138 -0.44 1.58 17.70
C GLU B 138 -1.53 0.98 18.59
N LEU B 139 -1.50 -0.33 18.76
CA LEU B 139 -2.46 -1.04 19.62
C LEU B 139 -2.33 -0.60 21.07
N LEU B 140 -1.10 -0.57 21.58
CA LEU B 140 -0.84 -0.24 22.97
C LEU B 140 -1.16 1.21 23.30
N SER B 141 -0.92 2.11 22.35
CA SER B 141 -1.26 3.53 22.54
C SER B 141 -2.77 3.75 22.68
N LYS B 142 -3.56 2.75 22.26
CA LYS B 142 -5.02 2.82 22.41
C LYS B 142 -5.59 1.81 23.42
N GLY B 143 -4.70 1.22 24.23
CA GLY B 143 -5.12 0.35 25.33
C GLY B 143 -5.57 -1.03 24.89
N VAL B 144 -5.11 -1.46 23.71
CA VAL B 144 -5.43 -2.79 23.21
C VAL B 144 -4.25 -3.74 23.38
N GLN B 145 -4.47 -4.88 24.03
CA GLN B 145 -3.41 -5.86 24.27
C GLN B 145 -3.20 -6.76 23.06
N PRO B 146 -1.95 -6.85 22.57
CA PRO B 146 -1.65 -7.73 21.45
C PRO B 146 -1.46 -9.20 21.83
N PHE B 147 -2.20 -10.08 21.16
CA PHE B 147 -1.99 -11.52 21.23
C PHE B 147 -1.41 -11.94 19.89
N ILE B 148 -0.16 -12.42 19.89
CA ILE B 148 0.51 -12.75 18.64
C ILE B 148 0.61 -14.25 18.36
N THR B 149 0.03 -14.66 17.23
CA THR B 149 0.25 -15.98 16.67
C THR B 149 1.53 -15.93 15.82
N LEU B 150 2.44 -16.86 16.08
CA LEU B 150 3.69 -16.91 15.33
C LEU B 150 3.50 -17.57 13.97
N PHE B 151 2.71 -18.64 13.93
CA PHE B 151 2.46 -19.37 12.69
C PHE B 151 0.96 -19.49 12.39
N HIS B 152 0.52 -18.78 11.37
CA HIS B 152 -0.86 -18.89 10.90
C HIS B 152 -0.87 -19.28 9.41
N TRP B 153 -0.08 -20.32 9.10
CA TRP B 153 -0.11 -21.08 7.84
C TRP B 153 0.77 -20.53 6.70
N ASP B 154 1.20 -19.28 6.82
CA ASP B 154 2.04 -18.66 5.80
C ASP B 154 3.51 -19.10 5.91
N SER B 155 3.73 -20.40 5.81
CA SER B 155 5.05 -21.03 5.88
C SER B 155 5.94 -20.58 4.71
N PRO B 156 7.26 -20.41 4.96
CA PRO B 156 8.18 -19.92 3.94
C PRO B 156 8.28 -20.85 2.73
N GLN B 157 8.10 -20.28 1.54
CA GLN B 157 8.24 -21.01 0.29
C GLN B 157 9.68 -21.52 0.10
N ALA B 158 10.65 -20.74 0.56
CA ALA B 158 12.05 -21.11 0.44
C ALA B 158 12.38 -22.39 1.21
N LEU B 159 11.70 -22.59 2.33
CA LEU B 159 11.90 -23.80 3.15
C LEU B 159 11.10 -24.97 2.59
N GLU B 160 10.03 -24.65 1.88
CA GLU B 160 9.24 -25.64 1.17
C GLU B 160 10.03 -26.18 -0.02
N ASP B 161 10.76 -25.29 -0.71
CA ASP B 161 11.64 -25.69 -1.82
C ASP B 161 12.89 -26.40 -1.32
N LYS B 162 13.48 -25.90 -0.25
CA LYS B 162 14.72 -26.46 0.30
C LYS B 162 14.53 -27.88 0.85
N TYR B 163 13.52 -28.08 1.71
CA TYR B 163 13.37 -29.37 2.36
C TYR B 163 11.92 -29.84 2.61
N ASN B 164 10.98 -29.31 1.84
CA ASN B 164 9.54 -29.62 1.98
C ASN B 164 8.94 -29.14 3.31
N GLY B 165 9.42 -28.01 3.81
CA GLY B 165 8.88 -27.36 5.01
C GLY B 165 8.67 -28.25 6.22
N PHE B 166 7.42 -28.38 6.63
CA PHE B 166 7.07 -29.10 7.86
C PHE B 166 7.16 -30.62 7.76
N LEU B 167 7.48 -31.14 6.58
CA LEU B 167 7.73 -32.58 6.43
C LEU B 167 9.13 -32.97 6.89
N SER B 168 9.98 -31.97 7.08
CA SER B 168 11.36 -32.18 7.50
C SER B 168 11.59 -31.71 8.94
N PRO B 169 12.39 -32.47 9.71
CA PRO B 169 12.75 -32.08 11.08
C PRO B 169 13.52 -30.77 11.14
N ASN B 170 14.03 -30.31 9.99
CA ASN B 170 14.77 -29.04 9.90
C ASN B 170 13.90 -27.82 10.18
N ILE B 171 12.59 -27.96 10.02
CA ILE B 171 11.64 -26.87 10.25
C ILE B 171 11.66 -26.38 11.71
N ILE B 172 11.97 -27.28 12.63
CA ILE B 172 11.96 -27.00 14.06
C ILE B 172 12.93 -25.88 14.45
N ASN B 173 14.21 -26.04 14.11
CA ASN B 173 15.21 -25.03 14.43
C ASN B 173 14.99 -23.70 13.70
N ASP B 174 14.52 -23.76 12.46
CA ASP B 174 14.17 -22.55 11.71
C ASP B 174 13.00 -21.80 12.36
N PHE B 175 11.96 -22.53 12.76
CA PHE B 175 10.86 -21.94 13.50
C PHE B 175 11.34 -21.34 14.82
N LYS B 176 12.19 -22.07 15.54
CA LYS B 176 12.76 -21.63 16.81
C LYS B 176 13.53 -20.33 16.66
N ASP B 177 14.37 -20.24 15.62
CA ASP B 177 15.13 -19.03 15.31
C ASP B 177 14.21 -17.86 14.99
N TYR B 178 13.13 -18.16 14.25
CA TYR B 178 12.10 -17.17 13.92
C TYR B 178 11.39 -16.67 15.18
N ALA B 179 10.92 -17.61 16.01
CA ALA B 179 10.26 -17.29 17.26
C ALA B 179 11.12 -16.42 18.17
N GLU B 180 12.42 -16.74 18.25
CA GLU B 180 13.37 -15.98 19.07
C GLU B 180 13.53 -14.52 18.66
N ILE B 181 13.59 -14.27 17.34
CA ILE B 181 13.64 -12.90 16.84
C ILE B 181 12.40 -12.14 17.30
N CYS B 182 11.24 -12.80 17.23
CA CYS B 182 9.99 -12.21 17.69
C CYS B 182 9.99 -11.90 19.18
N PHE B 183 10.51 -12.82 20.01
CA PHE B 183 10.64 -12.59 21.44
C PHE B 183 11.61 -11.45 21.73
N LYS B 184 12.74 -11.44 21.02
CA LYS B 184 13.74 -10.39 21.16
C LYS B 184 13.21 -9.01 20.74
N GLU B 185 12.51 -8.96 19.61
CA GLU B 185 12.07 -7.70 19.04
C GLU B 185 10.79 -7.15 19.68
N PHE B 186 9.88 -8.03 20.06
CA PHE B 186 8.53 -7.62 20.47
C PHE B 186 8.14 -8.00 21.89
N GLY B 187 8.86 -8.97 22.47
CA GLY B 187 8.52 -9.51 23.79
C GLY B 187 8.52 -8.55 24.96
N ASP B 188 9.14 -7.39 24.78
CA ASP B 188 9.12 -6.33 25.80
C ASP B 188 7.72 -5.76 25.98
N ARG B 189 6.92 -5.80 24.92
CA ARG B 189 5.57 -5.25 24.92
C ARG B 189 4.50 -6.31 24.78
N VAL B 190 4.82 -7.41 24.09
CA VAL B 190 3.89 -8.51 23.88
C VAL B 190 4.02 -9.57 24.98
N LYS B 191 2.91 -9.83 25.66
CA LYS B 191 2.91 -10.68 26.84
C LYS B 191 2.07 -11.94 26.63
N ASN B 192 1.56 -12.09 25.42
CA ASN B 192 0.71 -13.21 25.07
C ASN B 192 1.09 -13.77 23.70
N TRP B 193 1.65 -14.96 23.69
CA TRP B 193 2.17 -15.60 22.48
C TRP B 193 1.44 -16.89 22.19
N ILE B 194 1.15 -17.11 20.91
CA ILE B 194 0.60 -18.36 20.42
C ILE B 194 1.55 -18.87 19.33
N THR B 195 2.01 -20.11 19.47
CA THR B 195 2.97 -20.67 18.54
C THR B 195 2.31 -20.98 17.19
N PHE B 196 1.31 -21.87 17.22
CA PHE B 196 0.68 -22.38 16.01
C PHE B 196 -0.83 -22.21 16.05
N ASN B 197 -1.40 -21.81 14.92
CA ASN B 197 -2.85 -21.72 14.78
C ASN B 197 -3.39 -22.96 14.09
N GLU B 198 -4.34 -23.61 14.77
CA GLU B 198 -5.05 -24.78 14.24
C GLU B 198 -4.18 -25.71 13.40
N PRO B 199 -3.20 -26.38 14.03
CA PRO B 199 -2.42 -27.40 13.31
C PRO B 199 -3.30 -28.46 12.62
N TRP B 200 -4.47 -28.74 13.18
CA TRP B 200 -5.41 -29.67 12.56
C TRP B 200 -5.77 -29.23 11.13
N THR B 201 -6.14 -27.96 10.98
CA THR B 201 -6.57 -27.44 9.68
C THR B 201 -5.38 -27.41 8.72
N PHE B 202 -4.22 -26.98 9.21
CA PHE B 202 -3.01 -26.91 8.41
C PHE B 202 -2.63 -28.27 7.84
N CYS B 203 -2.64 -29.29 8.70
CA CYS B 203 -2.20 -30.64 8.31
C CYS B 203 -3.23 -31.43 7.50
N SER B 204 -4.50 -31.37 7.91
CA SER B 204 -5.56 -32.09 7.20
C SER B 204 -5.84 -31.50 5.81
N ASN B 205 -5.98 -30.18 5.73
CA ASN B 205 -6.25 -29.50 4.45
C ASN B 205 -5.02 -29.35 3.55
N GLY B 206 -3.83 -29.32 4.15
CA GLY B 206 -2.59 -29.14 3.40
C GLY B 206 -1.91 -30.41 2.96
N TYR B 207 -2.14 -31.50 3.69
CA TYR B 207 -1.45 -32.77 3.45
C TYR B 207 -2.37 -33.98 3.27
N ALA B 208 -3.61 -33.86 3.73
CA ALA B 208 -4.57 -34.95 3.59
C ALA B 208 -5.48 -34.76 2.38
N THR B 209 -6.24 -33.66 2.37
CA THR B 209 -7.12 -33.37 1.23
C THR B 209 -6.39 -32.58 0.14
N GLY B 210 -5.34 -31.86 0.51
CA GLY B 210 -4.58 -31.02 -0.42
C GLY B 210 -5.36 -29.84 -0.98
N LEU B 211 -6.34 -29.36 -0.21
CA LEU B 211 -7.17 -28.24 -0.65
C LEU B 211 -6.61 -26.88 -0.21
N PHE B 212 -5.73 -26.91 0.79
CA PHE B 212 -5.02 -25.72 1.27
C PHE B 212 -3.54 -25.87 0.91
N ALA B 213 -2.79 -24.77 0.95
CA ALA B 213 -1.33 -24.82 0.81
C ALA B 213 -0.75 -25.73 1.90
N PRO B 214 0.33 -26.50 1.57
CA PRO B 214 1.10 -26.60 0.33
C PRO B 214 0.46 -27.41 -0.80
N GLY B 215 -0.80 -27.79 -0.64
CA GLY B 215 -1.54 -28.55 -1.66
C GLY B 215 -0.99 -29.93 -1.95
N ARG B 216 -0.73 -30.69 -0.90
CA ARG B 216 -0.22 -32.06 -1.03
C ARG B 216 -1.28 -33.09 -0.66
N CYS B 217 -1.37 -34.15 -1.45
CA CYS B 217 -2.31 -35.25 -1.19
C CYS B 217 -2.02 -36.46 -2.07
N SER B 218 -2.67 -37.58 -1.76
CA SER B 218 -2.66 -38.76 -2.60
C SER B 218 -3.54 -38.49 -3.84
N PRO B 219 -3.18 -39.06 -4.99
CA PRO B 219 -3.90 -38.82 -6.26
C PRO B 219 -5.42 -38.97 -6.21
N TRP B 220 -5.91 -39.91 -5.39
CA TRP B 220 -7.35 -40.18 -5.27
C TRP B 220 -8.08 -39.23 -4.31
N GLU B 221 -7.30 -38.42 -3.60
CA GLU B 221 -7.88 -37.48 -2.63
C GLU B 221 -8.41 -36.22 -3.34
N LYS B 222 -9.25 -35.46 -2.61
CA LYS B 222 -9.97 -34.30 -3.15
C LYS B 222 -9.15 -33.35 -4.02
N GLY B 223 -7.95 -33.03 -3.57
CA GLY B 223 -7.10 -32.05 -4.23
C GLY B 223 -6.45 -32.50 -5.53
N ASN B 224 -6.54 -33.80 -5.82
CA ASN B 224 -5.92 -34.38 -7.02
C ASN B 224 -4.50 -33.86 -7.20
N CYS B 225 -3.70 -33.99 -6.14
CA CYS B 225 -2.38 -33.37 -6.08
C CYS B 225 -1.33 -34.15 -6.86
N SER B 226 -0.31 -33.44 -7.33
CA SER B 226 0.78 -34.06 -8.08
C SER B 226 1.75 -34.80 -7.16
N VAL B 227 1.85 -34.33 -5.92
CA VAL B 227 2.77 -34.90 -4.94
C VAL B 227 2.04 -35.08 -3.60
N GLY B 228 2.42 -36.10 -2.83
CA GLY B 228 1.88 -36.28 -1.48
C GLY B 228 1.55 -37.70 -1.08
N ASP B 229 1.16 -37.85 0.19
CA ASP B 229 0.75 -39.12 0.78
C ASP B 229 -0.18 -38.78 1.94
N SER B 230 -1.48 -38.91 1.71
CA SER B 230 -2.51 -38.50 2.66
C SER B 230 -2.58 -39.34 3.94
N GLY B 231 -1.88 -40.47 3.95
CA GLY B 231 -1.87 -41.37 5.10
C GLY B 231 -0.63 -41.25 5.96
N ARG B 232 0.33 -40.45 5.52
CA ARG B 232 1.60 -40.28 6.25
C ARG B 232 1.96 -38.81 6.49
N GLU B 233 1.84 -38.00 5.45
CA GLU B 233 2.30 -36.60 5.50
C GLU B 233 1.59 -35.71 6.53
N PRO B 234 0.24 -35.83 6.66
CA PRO B 234 -0.44 -35.06 7.71
C PRO B 234 0.12 -35.32 9.11
N TYR B 235 0.46 -36.58 9.39
CA TYR B 235 1.01 -36.98 10.70
C TYR B 235 2.44 -36.54 10.89
N THR B 236 3.22 -36.56 9.81
CA THR B 236 4.61 -36.09 9.86
C THR B 236 4.67 -34.57 10.07
N ALA B 237 3.85 -33.84 9.30
CA ALA B 237 3.81 -32.38 9.40
C ALA B 237 3.43 -31.93 10.79
N CYS B 238 2.36 -32.51 11.32
CA CYS B 238 1.84 -32.11 12.64
C CYS B 238 2.69 -32.60 13.81
N HIS B 239 3.41 -33.70 13.61
CA HIS B 239 4.38 -34.19 14.58
C HIS B 239 5.49 -33.15 14.74
N HIS B 240 5.94 -32.61 13.62
CA HIS B 240 6.97 -31.57 13.63
C HIS B 240 6.48 -30.23 14.21
N GLN B 241 5.18 -29.97 14.09
CA GLN B 241 4.58 -28.75 14.67
C GLN B 241 4.56 -28.84 16.19
N LEU B 242 4.11 -29.99 16.69
CA LEU B 242 4.13 -30.28 18.14
C LEU B 242 5.54 -30.20 18.72
N LEU B 243 6.51 -30.71 17.96
CA LEU B 243 7.92 -30.63 18.37
C LEU B 243 8.47 -29.21 18.31
N ALA B 244 8.13 -28.47 17.25
CA ALA B 244 8.55 -27.06 17.13
C ALA B 244 7.89 -26.19 18.20
N HIS B 245 6.63 -26.51 18.54
CA HIS B 245 5.89 -25.82 19.58
C HIS B 245 6.53 -26.00 20.96
N ALA B 246 6.76 -27.26 21.34
CA ALA B 246 7.31 -27.59 22.65
C ALA B 246 8.73 -27.07 22.83
N GLU B 247 9.52 -27.12 21.76
CA GLU B 247 10.87 -26.55 21.75
C GLU B 247 10.83 -25.04 21.96
N THR B 248 9.83 -24.39 21.35
CA THR B 248 9.65 -22.94 21.44
C THR B 248 9.17 -22.50 22.82
N VAL B 249 8.23 -23.26 23.40
CA VAL B 249 7.76 -22.99 24.75
C VAL B 249 8.91 -23.09 25.75
N ARG B 250 9.70 -24.17 25.64
CA ARG B 250 10.89 -24.38 26.47
C ARG B 250 11.86 -23.21 26.35
N LEU B 251 12.12 -22.80 25.10
CA LEU B 251 13.00 -21.68 24.80
C LEU B 251 12.49 -20.38 25.42
N TYR B 252 11.18 -20.13 25.29
CA TYR B 252 10.59 -18.94 25.86
C TYR B 252 10.74 -18.88 27.38
N LYS B 253 10.46 -20.00 28.05
CA LYS B 253 10.53 -20.06 29.51
C LYS B 253 11.96 -20.02 30.03
N ALA B 254 12.90 -20.52 29.22
CA ALA B 254 14.31 -20.57 29.62
C ALA B 254 15.01 -19.23 29.50
N LYS B 255 14.73 -18.49 28.44
CA LYS B 255 15.45 -17.25 28.14
C LYS B 255 14.62 -15.96 28.26
N TYR B 256 13.29 -16.06 28.13
CA TYR B 256 12.46 -14.86 27.96
C TYR B 256 11.42 -14.59 29.03
N GLN B 257 10.79 -15.65 29.55
CA GLN B 257 9.70 -15.51 30.52
C GLN B 257 10.09 -14.72 31.77
N ALA B 258 11.31 -14.95 32.28
CA ALA B 258 11.73 -14.35 33.55
C ALA B 258 11.71 -12.83 33.52
N LEU B 259 12.26 -12.25 32.47
CA LEU B 259 12.36 -10.79 32.33
C LEU B 259 11.20 -10.15 31.57
N GLN B 260 10.55 -10.92 30.69
CA GLN B 260 9.42 -10.39 29.90
C GLN B 260 8.07 -10.70 30.53
N LYS B 261 7.99 -11.80 31.27
CA LYS B 261 6.80 -12.20 32.05
C LYS B 261 5.52 -12.30 31.21
N GLY B 262 5.65 -12.91 30.03
CA GLY B 262 4.51 -13.20 29.19
C GLY B 262 4.07 -14.64 29.30
N LYS B 263 3.04 -14.98 28.54
CA LYS B 263 2.51 -16.34 28.49
C LYS B 263 2.59 -16.86 27.06
N ILE B 264 2.81 -18.16 26.93
CA ILE B 264 2.90 -18.81 25.63
C ILE B 264 1.95 -20.01 25.58
N GLY B 265 1.22 -20.12 24.48
CA GLY B 265 0.30 -21.24 24.28
C GLY B 265 0.24 -21.69 22.83
N ILE B 266 -0.84 -22.38 22.50
CA ILE B 266 -1.07 -22.91 21.16
C ILE B 266 -2.57 -22.91 20.92
N THR B 267 -2.98 -22.67 19.68
CA THR B 267 -4.40 -22.58 19.32
C THR B 267 -4.86 -23.85 18.61
N LEU B 268 -5.88 -24.49 19.18
CA LEU B 268 -6.42 -25.74 18.65
C LEU B 268 -7.90 -25.59 18.33
N VAL B 269 -8.33 -26.26 17.27
CA VAL B 269 -9.72 -26.23 16.86
C VAL B 269 -10.39 -27.59 17.13
N SER B 270 -11.68 -27.53 17.46
CA SER B 270 -12.49 -28.73 17.53
C SER B 270 -13.95 -28.39 17.22
N HIS B 271 -14.59 -29.27 16.47
CA HIS B 271 -16.04 -29.24 16.36
C HIS B 271 -16.58 -30.02 17.56
N TRP B 272 -17.86 -29.87 17.83
CA TRP B 272 -18.51 -30.81 18.75
C TRP B 272 -19.14 -31.95 17.93
N PHE B 273 -18.95 -33.17 18.39
CA PHE B 273 -19.44 -34.32 17.66
C PHE B 273 -20.65 -34.99 18.32
N VAL B 274 -21.79 -34.87 17.65
CA VAL B 274 -23.03 -35.51 18.07
C VAL B 274 -23.07 -36.92 17.45
N PRO B 275 -23.19 -37.96 18.29
CA PRO B 275 -23.37 -39.31 17.74
C PRO B 275 -24.55 -39.35 16.76
N PHE B 276 -24.34 -40.02 15.63
CA PHE B 276 -25.38 -40.10 14.57
C PHE B 276 -26.68 -40.69 15.13
N SER B 277 -26.55 -41.76 15.89
CA SER B 277 -27.68 -42.35 16.62
C SER B 277 -27.28 -42.57 18.07
N ARG B 278 -28.23 -43.00 18.90
CA ARG B 278 -27.98 -43.24 20.32
C ARG B 278 -27.25 -44.55 20.62
N SER B 279 -26.89 -45.29 19.57
CA SER B 279 -26.15 -46.54 19.73
C SER B 279 -24.74 -46.31 20.26
N LYS B 280 -24.19 -47.33 20.92
CA LYS B 280 -22.83 -47.34 21.45
C LYS B 280 -21.79 -47.09 20.36
N SER B 281 -22.02 -47.71 19.21
CA SER B 281 -21.10 -47.63 18.07
C SER B 281 -20.90 -46.20 17.57
N ASN B 282 -22.00 -45.46 17.47
CA ASN B 282 -21.94 -44.06 17.02
C ASN B 282 -21.49 -43.10 18.12
N ASN B 283 -21.67 -43.52 19.38
CA ASN B 283 -21.11 -42.82 20.54
C ASN B 283 -19.57 -42.92 20.51
N ASP B 284 -19.08 -44.10 20.12
CA ASP B 284 -17.65 -44.37 20.03
C ASP B 284 -17.02 -43.69 18.82
N ALA B 285 -17.81 -43.54 17.76
CA ALA B 285 -17.38 -42.84 16.55
C ALA B 285 -17.18 -41.34 16.82
N ALA B 286 -18.09 -40.76 17.62
CA ALA B 286 -17.97 -39.37 18.06
C ALA B 286 -16.74 -39.16 18.94
N LYS B 287 -16.40 -40.18 19.72
CA LYS B 287 -15.22 -40.17 20.57
C LYS B 287 -13.94 -40.23 19.72
N ARG B 288 -13.97 -41.05 18.68
CA ARG B 288 -12.84 -41.18 17.76
C ARG B 288 -12.67 -39.90 16.93
N ALA B 289 -13.79 -39.29 16.56
CA ALA B 289 -13.79 -38.04 15.81
C ALA B 289 -13.06 -36.92 16.55
N ILE B 290 -13.41 -36.72 17.82
CA ILE B 290 -12.75 -35.70 18.65
C ILE B 290 -11.30 -36.07 18.97
N ASP B 291 -11.02 -37.36 19.14
CA ASP B 291 -9.65 -37.84 19.36
C ASP B 291 -8.74 -37.47 18.20
N PHE B 292 -9.24 -37.65 16.98
CA PHE B 292 -8.45 -37.46 15.76
C PHE B 292 -8.27 -35.98 15.40
N MET B 293 -9.27 -35.18 15.69
CA MET B 293 -9.23 -33.75 15.41
C MET B 293 -8.53 -32.96 16.52
N PHE B 294 -8.92 -33.25 17.76
CA PHE B 294 -8.57 -32.44 18.91
C PHE B 294 -7.54 -33.12 19.82
N GLY B 295 -7.80 -34.38 20.17
CA GLY B 295 -6.90 -35.15 21.03
C GLY B 295 -5.53 -35.36 20.41
N TRP B 296 -5.49 -35.34 19.08
CA TRP B 296 -4.26 -35.38 18.29
C TRP B 296 -3.18 -34.46 18.85
N PHE B 297 -3.62 -33.31 19.38
CA PHE B 297 -2.71 -32.33 19.96
C PHE B 297 -2.86 -32.21 21.46
N MET B 298 -4.09 -32.39 21.95
CA MET B 298 -4.39 -32.28 23.39
C MET B 298 -3.76 -33.37 24.26
N ASP B 299 -3.87 -34.63 23.81
CA ASP B 299 -3.31 -35.76 24.53
C ASP B 299 -1.79 -35.69 24.68
N PRO B 300 -1.04 -35.38 23.59
CA PRO B 300 0.39 -35.09 23.77
C PRO B 300 0.70 -33.94 24.74
N LEU B 301 -0.15 -32.91 24.75
CA LEU B 301 0.08 -31.73 25.60
C LEU B 301 -0.26 -31.97 27.07
N ILE B 302 -1.27 -32.81 27.31
CA ILE B 302 -1.73 -33.13 28.67
C ILE B 302 -1.12 -34.44 29.19
N ARG B 303 -1.07 -35.47 28.35
CA ARG B 303 -0.69 -36.83 28.76
C ARG B 303 0.65 -37.32 28.21
N GLY B 304 1.25 -36.55 27.30
CA GLY B 304 2.59 -36.86 26.79
C GLY B 304 2.67 -37.83 25.61
N ASP B 305 1.53 -38.27 25.12
CA ASP B 305 1.48 -39.16 23.95
C ASP B 305 0.20 -38.94 23.16
N TYR B 306 0.19 -39.41 21.91
CA TYR B 306 -1.01 -39.36 21.06
C TYR B 306 -2.16 -40.18 21.66
N PRO B 307 -3.41 -39.87 21.26
CA PRO B 307 -4.55 -40.67 21.73
C PRO B 307 -4.37 -42.16 21.44
N LEU B 308 -4.99 -42.99 22.28
CA LEU B 308 -4.97 -44.44 22.09
C LEU B 308 -5.57 -44.85 20.75
N SER B 309 -6.72 -44.24 20.42
CA SER B 309 -7.41 -44.45 19.15
C SER B 309 -6.48 -44.25 17.95
N MET B 310 -5.67 -43.20 18.03
CA MET B 310 -4.79 -42.84 16.93
C MET B 310 -3.61 -43.80 16.81
N ARG B 311 -3.00 -44.15 17.95
CA ARG B 311 -1.89 -45.11 17.93
C ARG B 311 -2.32 -46.48 17.42
N GLY B 312 -3.51 -46.91 17.81
CA GLY B 312 -4.06 -48.20 17.40
C GLY B 312 -4.47 -48.26 15.93
N LEU B 313 -5.21 -47.24 15.48
CA LEU B 313 -5.75 -47.21 14.12
C LEU B 313 -4.74 -46.84 13.04
N VAL B 314 -3.83 -45.92 13.35
CA VAL B 314 -2.87 -45.39 12.38
C VAL B 314 -1.60 -46.25 12.36
N GLY B 315 -1.17 -46.71 13.53
CA GLY B 315 -0.03 -47.61 13.63
C GLY B 315 1.28 -46.92 13.28
N ASN B 316 2.07 -47.58 12.43
CA ASN B 316 3.40 -47.08 12.07
C ASN B 316 3.39 -45.85 11.14
N ARG B 317 2.21 -45.46 10.67
CA ARG B 317 2.04 -44.23 9.90
C ARG B 317 1.99 -42.99 10.81
N LEU B 318 1.75 -43.22 12.10
CA LEU B 318 1.82 -42.18 13.11
C LEU B 318 3.19 -42.20 13.78
N PRO B 319 3.92 -41.07 13.76
CA PRO B 319 5.25 -41.02 14.37
C PRO B 319 5.18 -41.23 15.88
N GLN B 320 6.29 -41.66 16.46
CA GLN B 320 6.35 -41.95 17.89
C GLN B 320 7.27 -40.98 18.61
N PHE B 321 6.79 -40.44 19.74
CA PHE B 321 7.61 -39.61 20.61
C PHE B 321 8.65 -40.47 21.31
N THR B 322 9.89 -39.98 21.39
CA THR B 322 10.87 -40.57 22.28
C THR B 322 10.49 -40.17 23.71
N LYS B 323 11.00 -40.91 24.70
CA LYS B 323 10.72 -40.62 26.10
C LYS B 323 11.06 -39.17 26.44
N GLU B 324 12.15 -38.67 25.84
CA GLU B 324 12.61 -37.30 26.01
C GLU B 324 11.66 -36.28 25.34
N GLN B 325 11.19 -36.61 24.14
CA GLN B 325 10.24 -35.76 23.41
C GLN B 325 8.88 -35.72 24.11
N SER B 326 8.46 -36.86 24.65
CA SER B 326 7.22 -36.96 25.41
C SER B 326 7.25 -36.07 26.66
N LYS B 327 8.40 -36.07 27.34
CA LYS B 327 8.67 -35.21 28.48
C LYS B 327 8.55 -33.73 28.10
N LEU B 328 9.04 -33.39 26.91
CA LEU B 328 9.05 -32.00 26.43
C LEU B 328 7.66 -31.47 26.06
N VAL B 329 6.88 -32.27 25.34
CA VAL B 329 5.55 -31.86 24.89
C VAL B 329 4.53 -31.78 26.03
N LYS B 330 4.60 -32.72 26.96
CA LYS B 330 3.69 -32.74 28.11
C LYS B 330 3.87 -31.50 28.99
N GLY B 331 2.77 -30.78 29.19
CA GLY B 331 2.75 -29.56 29.99
C GLY B 331 3.38 -28.33 29.34
N ALA B 332 3.69 -28.42 28.04
CA ALA B 332 4.33 -27.32 27.32
C ALA B 332 3.32 -26.25 26.89
N PHE B 333 2.76 -25.56 27.88
CA PHE B 333 1.80 -24.48 27.66
C PHE B 333 1.46 -23.74 28.95
N ASP B 334 1.12 -22.46 28.81
CA ASP B 334 0.55 -21.67 29.90
C ASP B 334 -0.97 -21.61 29.74
N PHE B 335 -1.41 -21.57 28.49
CA PHE B 335 -2.82 -21.63 28.15
C PHE B 335 -3.01 -22.40 26.86
N ILE B 336 -4.26 -22.77 26.58
CA ILE B 336 -4.63 -23.36 25.31
C ILE B 336 -5.64 -22.44 24.65
N GLY B 337 -5.37 -22.03 23.42
CA GLY B 337 -6.34 -21.32 22.60
C GLY B 337 -7.30 -22.34 22.01
N LEU B 338 -8.60 -22.09 22.17
CA LEU B 338 -9.62 -22.97 21.63
C LEU B 338 -10.49 -22.27 20.60
N ASN B 339 -10.61 -22.90 19.44
CA ASN B 339 -11.51 -22.41 18.40
C ASN B 339 -12.72 -23.31 18.25
N TYR B 340 -13.89 -22.68 18.12
CA TYR B 340 -15.13 -23.40 17.90
C TYR B 340 -16.00 -22.65 16.88
N TYR B 341 -16.60 -23.41 15.96
CA TYR B 341 -17.47 -22.85 14.93
CA TYR B 341 -17.47 -22.84 14.94
C TYR B 341 -18.78 -23.61 14.82
N THR B 342 -18.67 -24.95 14.79
CA THR B 342 -19.80 -25.79 14.42
C THR B 342 -19.76 -27.19 15.05
N ALA B 343 -20.80 -27.98 14.75
CA ALA B 343 -20.86 -29.39 15.17
C ALA B 343 -21.12 -30.29 13.96
N ASN B 344 -20.64 -31.53 14.05
CA ASN B 344 -20.97 -32.57 13.08
C ASN B 344 -21.61 -33.78 13.74
N TYR B 345 -22.40 -34.52 12.96
CA TYR B 345 -22.82 -35.86 13.36
C TYR B 345 -21.67 -36.81 13.07
N ALA B 346 -21.43 -37.74 13.99
CA ALA B 346 -20.41 -38.77 13.80
C ALA B 346 -21.05 -40.14 13.71
N ASP B 347 -20.79 -40.82 12.59
CA ASP B 347 -21.37 -42.10 12.26
C ASP B 347 -20.24 -43.10 12.10
N ASN B 348 -20.42 -44.32 12.61
CA ASN B 348 -19.37 -45.33 12.50
C ASN B 348 -19.10 -45.76 11.06
N LEU B 349 -17.83 -45.88 10.71
CA LEU B 349 -17.42 -46.41 9.42
C LEU B 349 -16.73 -47.77 9.57
N PRO B 350 -17.14 -48.75 8.76
CA PRO B 350 -16.42 -50.03 8.70
C PRO B 350 -15.01 -49.82 8.10
N PRO B 351 -14.04 -50.67 8.48
CA PRO B 351 -12.66 -50.63 7.95
C PRO B 351 -12.58 -50.52 6.41
N SER B 352 -11.53 -49.89 5.92
CA SER B 352 -11.42 -49.47 4.50
C SER B 352 -11.13 -50.55 3.42
N ASN B 353 -10.09 -51.39 3.53
CA ASN B 353 -9.13 -51.42 4.65
C ASN B 353 -7.71 -51.97 4.35
N GLY B 354 -6.88 -51.40 3.46
CA GLY B 354 -7.18 -50.63 2.29
C GLY B 354 -5.86 -50.10 1.72
N LEU B 355 -5.87 -49.80 0.43
CA LEU B 355 -4.74 -49.15 -0.23
C LEU B 355 -5.03 -47.65 -0.42
N ASN B 356 -6.13 -47.19 0.20
CA ASN B 356 -6.54 -45.80 0.15
C ASN B 356 -6.48 -45.14 1.53
N ASN B 357 -5.39 -45.41 2.26
CA ASN B 357 -5.15 -44.85 3.58
C ASN B 357 -4.99 -43.33 3.56
N SER B 358 -5.76 -42.66 4.40
CA SER B 358 -5.77 -41.20 4.45
C SER B 358 -6.19 -40.75 5.83
N TYR B 359 -5.62 -39.65 6.32
CA TYR B 359 -6.03 -39.07 7.60
C TYR B 359 -7.55 -38.87 7.66
N THR B 360 -8.14 -38.48 6.54
CA THR B 360 -9.57 -38.17 6.47
C THR B 360 -10.45 -39.34 6.90
N THR B 361 -10.04 -40.56 6.57
CA THR B 361 -10.82 -41.76 6.87
C THR B 361 -10.26 -42.60 8.05
N ASP B 362 -9.03 -42.29 8.47
CA ASP B 362 -8.34 -43.06 9.52
C ASP B 362 -9.09 -43.18 10.86
N SER B 363 -9.96 -42.22 11.16
CA SER B 363 -10.72 -42.22 12.40
C SER B 363 -11.82 -43.28 12.43
N ARG B 364 -12.19 -43.77 11.25
CA ARG B 364 -13.34 -44.67 11.06
C ARG B 364 -14.66 -44.03 11.54
N ALA B 365 -14.71 -42.70 11.45
CA ALA B 365 -15.90 -41.94 11.77
C ALA B 365 -16.30 -41.11 10.56
N ASN B 366 -17.54 -41.30 10.10
CA ASN B 366 -18.08 -40.51 9.00
C ASN B 366 -18.75 -39.26 9.53
N LEU B 367 -18.29 -38.11 9.04
CA LEU B 367 -18.75 -36.82 9.55
C LEU B 367 -19.70 -36.15 8.58
N THR B 368 -20.88 -35.79 9.08
CA THR B 368 -21.91 -35.12 8.29
C THR B 368 -22.49 -33.96 9.09
N GLY B 369 -23.13 -33.03 8.39
CA GLY B 369 -23.84 -31.92 9.03
C GLY B 369 -25.34 -32.06 8.88
N VAL B 370 -25.76 -33.14 8.23
CA VAL B 370 -27.17 -33.42 7.94
C VAL B 370 -27.52 -34.85 8.33
N ARG B 371 -28.68 -35.01 8.97
CA ARG B 371 -29.21 -36.31 9.37
C ARG B 371 -30.70 -36.39 9.03
N ASN B 372 -31.07 -37.40 8.24
CA ASN B 372 -32.45 -37.58 7.74
C ASN B 372 -32.97 -36.33 7.00
N GLY B 373 -32.12 -35.72 6.18
CA GLY B 373 -32.47 -34.50 5.46
C GLY B 373 -32.59 -33.24 6.31
N ILE B 374 -32.28 -33.37 7.60
CA ILE B 374 -32.33 -32.25 8.54
C ILE B 374 -30.90 -31.82 8.94
N PRO B 375 -30.54 -30.56 8.68
CA PRO B 375 -29.21 -30.08 9.04
C PRO B 375 -29.09 -29.86 10.55
N ILE B 376 -27.94 -30.22 11.12
CA ILE B 376 -27.68 -30.08 12.57
C ILE B 376 -27.97 -28.67 13.09
N GLY B 377 -27.76 -27.67 12.22
CA GLY B 377 -28.10 -26.28 12.49
C GLY B 377 -28.19 -25.52 11.18
N PRO B 378 -28.69 -24.27 11.20
CA PRO B 378 -28.69 -23.46 9.98
C PRO B 378 -27.28 -23.30 9.40
N GLN B 379 -27.17 -23.48 8.08
CA GLN B 379 -25.89 -23.43 7.39
C GLN B 379 -25.55 -21.99 7.04
N ALA B 380 -24.31 -21.59 7.33
CA ALA B 380 -23.82 -20.26 6.98
C ALA B 380 -23.29 -20.25 5.55
N ALA B 381 -22.59 -19.18 5.17
CA ALA B 381 -22.02 -19.07 3.82
C ALA B 381 -20.98 -20.15 3.54
N SER B 382 -20.16 -20.46 4.55
CA SER B 382 -19.27 -21.60 4.48
C SER B 382 -20.09 -22.88 4.65
N PRO B 383 -20.00 -23.80 3.67
CA PRO B 383 -20.85 -25.00 3.67
C PRO B 383 -20.55 -25.95 4.84
N TRP B 384 -19.35 -25.84 5.39
CA TRP B 384 -18.94 -26.65 6.54
C TRP B 384 -19.42 -26.06 7.87
N LEU B 385 -19.91 -24.83 7.84
CA LEU B 385 -20.32 -24.13 9.07
C LEU B 385 -21.82 -24.18 9.31
N TYR B 386 -22.19 -24.95 10.34
CA TYR B 386 -23.58 -25.05 10.78
C TYR B 386 -23.71 -24.42 12.16
N VAL B 387 -24.67 -23.51 12.31
CA VAL B 387 -24.86 -22.79 13.56
C VAL B 387 -25.45 -23.71 14.64
N TYR B 388 -24.61 -24.05 15.61
CA TYR B 388 -24.96 -24.98 16.70
C TYR B 388 -24.32 -24.50 18.00
N PRO B 389 -24.91 -23.48 18.66
CA PRO B 389 -24.29 -22.86 19.84
C PRO B 389 -24.19 -23.80 21.04
N GLN B 390 -25.04 -24.82 21.10
CA GLN B 390 -25.05 -25.81 22.17
C GLN B 390 -23.72 -26.54 22.31
N GLY B 391 -23.10 -26.86 21.17
CA GLY B 391 -21.84 -27.59 21.13
C GLY B 391 -20.64 -26.81 21.65
N PHE B 392 -20.80 -25.49 21.73
CA PHE B 392 -19.76 -24.62 22.28
C PHE B 392 -19.56 -24.94 23.76
N ARG B 393 -20.64 -24.88 24.53
CA ARG B 393 -20.68 -25.32 25.92
C ARG B 393 -20.21 -26.77 26.07
N ASP B 394 -20.74 -27.66 25.23
CA ASP B 394 -20.41 -29.09 25.25
C ASP B 394 -18.91 -29.33 25.14
N LEU B 395 -18.24 -28.60 24.23
CA LEU B 395 -16.80 -28.74 24.03
C LEU B 395 -16.01 -28.26 25.23
N LEU B 396 -16.39 -27.10 25.77
CA LEU B 396 -15.68 -26.50 26.91
C LEU B 396 -15.76 -27.37 28.16
N LEU B 397 -16.93 -27.96 28.40
CA LEU B 397 -17.13 -28.87 29.52
C LEU B 397 -16.44 -30.22 29.31
N TYR B 398 -16.31 -30.63 28.05
CA TYR B 398 -15.54 -31.82 27.71
C TYR B 398 -14.05 -31.61 28.02
N VAL B 399 -13.54 -30.41 27.72
CA VAL B 399 -12.15 -30.05 27.98
C VAL B 399 -11.92 -29.96 29.50
N LYS B 400 -12.92 -29.40 30.19
CA LYS B 400 -12.88 -29.26 31.64
C LYS B 400 -12.74 -30.62 32.34
N GLU B 401 -13.57 -31.58 31.92
CA GLU B 401 -13.67 -32.86 32.60
C GLU B 401 -12.63 -33.89 32.15
N ASN B 402 -12.13 -33.76 30.92
CA ASN B 402 -11.21 -34.77 30.37
C ASN B 402 -9.75 -34.35 30.23
N TYR B 403 -9.44 -33.08 30.47
CA TYR B 403 -8.07 -32.59 30.29
C TYR B 403 -7.54 -31.74 31.45
N GLY B 404 -8.20 -31.86 32.60
CA GLY B 404 -7.76 -31.17 33.81
C GLY B 404 -8.08 -29.68 33.82
N ASN B 405 -9.11 -29.30 33.07
CA ASN B 405 -9.60 -27.91 33.02
C ASN B 405 -8.48 -26.87 32.88
N PRO B 406 -7.72 -26.92 31.77
CA PRO B 406 -6.60 -25.98 31.60
C PRO B 406 -7.08 -24.56 31.34
N THR B 407 -6.20 -23.59 31.57
CA THR B 407 -6.47 -22.19 31.22
C THR B 407 -6.72 -22.06 29.72
N VAL B 408 -7.88 -21.52 29.38
CA VAL B 408 -8.34 -21.46 28.00
C VAL B 408 -8.67 -20.04 27.57
N TYR B 409 -8.30 -19.71 26.35
CA TYR B 409 -8.80 -18.53 25.66
C TYR B 409 -9.54 -19.00 24.42
N ILE B 410 -10.75 -18.50 24.21
CA ILE B 410 -11.45 -18.74 22.95
C ILE B 410 -10.81 -17.82 21.91
N THR B 411 -9.95 -18.40 21.09
CA THR B 411 -9.14 -17.62 20.17
C THR B 411 -9.80 -17.37 18.82
N GLU B 412 -10.90 -18.08 18.57
CA GLU B 412 -11.63 -17.95 17.31
C GLU B 412 -13.06 -18.44 17.42
N ASN B 413 -14.01 -17.56 17.11
CA ASN B 413 -15.43 -17.90 17.05
C ASN B 413 -16.11 -16.90 16.13
N GLY B 414 -16.87 -17.39 15.16
CA GLY B 414 -17.52 -16.52 14.20
C GLY B 414 -18.33 -17.19 13.11
N VAL B 415 -18.83 -16.38 12.19
CA VAL B 415 -19.75 -16.84 11.14
C VAL B 415 -19.63 -15.94 9.90
N ASP B 416 -20.07 -16.43 8.76
CA ASP B 416 -19.95 -15.67 7.51
C ASP B 416 -21.24 -15.55 6.69
N GLU B 417 -21.32 -14.47 5.91
CA GLU B 417 -22.33 -14.32 4.89
C GLU B 417 -21.64 -14.32 3.52
N PHE B 418 -22.40 -14.49 2.44
CA PHE B 418 -21.84 -14.45 1.09
C PHE B 418 -21.41 -13.04 0.72
N ASN B 419 -20.34 -12.93 -0.06
CA ASN B 419 -20.01 -11.67 -0.72
C ASN B 419 -20.92 -11.54 -1.94
N ASN B 420 -21.80 -10.54 -1.88
CA ASN B 420 -22.82 -10.34 -2.90
C ASN B 420 -22.65 -8.97 -3.56
N LYS B 421 -22.10 -8.98 -4.78
CA LYS B 421 -21.81 -7.75 -5.53
C LYS B 421 -23.06 -6.96 -5.95
N THR B 422 -24.23 -7.60 -5.89
CA THR B 422 -25.48 -6.97 -6.33
C THR B 422 -26.16 -6.18 -5.20
N LEU B 423 -25.92 -6.59 -3.96
CA LEU B 423 -26.47 -5.89 -2.79
C LEU B 423 -25.96 -4.46 -2.65
N PRO B 424 -26.86 -3.51 -2.35
CA PRO B 424 -26.40 -2.17 -1.96
C PRO B 424 -25.67 -2.23 -0.62
N LEU B 425 -24.72 -1.32 -0.41
CA LEU B 425 -23.87 -1.30 0.78
C LEU B 425 -24.64 -1.39 2.09
N GLN B 426 -25.70 -0.60 2.23
CA GLN B 426 -26.46 -0.56 3.49
C GLN B 426 -27.19 -1.86 3.82
N GLU B 427 -27.53 -2.65 2.80
CA GLU B 427 -28.11 -3.98 3.00
C GLU B 427 -27.05 -5.01 3.37
N ALA B 428 -25.84 -4.82 2.83
CA ALA B 428 -24.70 -5.68 3.12
C ALA B 428 -24.21 -5.51 4.57
N LEU B 429 -24.44 -4.34 5.15
CA LEU B 429 -24.06 -4.05 6.53
C LEU B 429 -25.01 -4.64 7.57
N LYS B 430 -26.20 -5.04 7.14
CA LYS B 430 -27.22 -5.60 8.04
C LYS B 430 -26.97 -7.08 8.30
N ASP B 431 -26.00 -7.38 9.16
CA ASP B 431 -25.63 -8.75 9.45
C ASP B 431 -26.28 -9.29 10.73
N ASP B 432 -27.61 -9.41 10.68
CA ASP B 432 -28.38 -9.87 11.83
C ASP B 432 -28.06 -11.32 12.20
N ALA B 433 -27.74 -12.12 11.18
CA ALA B 433 -27.34 -13.52 11.39
C ALA B 433 -26.05 -13.61 12.22
N ARG B 434 -25.13 -12.67 12.02
CA ARG B 434 -23.90 -12.58 12.82
C ARG B 434 -24.20 -12.20 14.27
N ILE B 435 -25.03 -11.17 14.46
CA ILE B 435 -25.47 -10.77 15.79
C ILE B 435 -26.10 -11.95 16.54
N GLU B 436 -27.03 -12.64 15.87
CA GLU B 436 -27.68 -13.82 16.42
C GLU B 436 -26.66 -14.91 16.79
N TYR B 437 -25.69 -15.13 15.90
CA TYR B 437 -24.62 -16.10 16.14
C TYR B 437 -23.82 -15.79 17.41
N TYR B 438 -23.40 -14.54 17.57
CA TYR B 438 -22.59 -14.16 18.72
C TYR B 438 -23.38 -14.11 20.02
N HIS B 439 -24.63 -13.64 19.95
CA HIS B 439 -25.51 -13.62 21.11
C HIS B 439 -25.63 -15.01 21.74
N LYS B 440 -25.99 -15.99 20.91
CA LYS B 440 -26.22 -17.36 21.36
C LYS B 440 -24.95 -18.07 21.84
N HIS B 441 -23.83 -17.83 21.14
CA HIS B 441 -22.56 -18.45 21.49
C HIS B 441 -21.94 -17.85 22.76
N LEU B 442 -22.10 -16.55 22.96
CA LEU B 442 -21.61 -15.91 24.19
C LEU B 442 -22.45 -16.33 25.41
N LEU B 443 -23.75 -16.52 25.22
CA LEU B 443 -24.61 -17.10 26.26
C LEU B 443 -24.17 -18.52 26.59
N SER B 444 -23.91 -19.31 25.55
CA SER B 444 -23.42 -20.68 25.70
C SER B 444 -22.07 -20.74 26.39
N LEU B 445 -21.20 -19.78 26.07
CA LEU B 445 -19.90 -19.64 26.72
C LEU B 445 -20.06 -19.25 28.19
N LEU B 446 -20.95 -18.30 28.44
CA LEU B 446 -21.23 -17.83 29.81
C LEU B 446 -21.69 -18.98 30.72
N SER B 447 -22.62 -19.79 30.24
CA SER B 447 -23.14 -20.91 31.02
C SER B 447 -22.05 -21.93 31.32
N ALA B 448 -21.15 -22.13 30.37
CA ALA B 448 -20.00 -23.02 30.55
C ALA B 448 -19.05 -22.48 31.61
N ILE B 449 -18.83 -21.17 31.61
CA ILE B 449 -18.01 -20.49 32.61
C ILE B 449 -18.63 -20.66 34.01
N ARG B 450 -19.94 -20.42 34.10
CA ARG B 450 -20.70 -20.57 35.34
C ARG B 450 -20.67 -22.01 35.86
N ASP B 451 -20.52 -22.97 34.94
CA ASP B 451 -20.38 -24.38 35.29
C ASP B 451 -18.92 -24.80 35.49
N GLY B 452 -18.02 -23.82 35.57
CA GLY B 452 -16.63 -24.07 35.96
C GLY B 452 -15.56 -24.12 34.88
N ALA B 453 -15.92 -23.85 33.63
CA ALA B 453 -14.93 -23.83 32.54
C ALA B 453 -13.88 -22.74 32.76
N ASN B 454 -12.62 -23.16 32.74
CA ASN B 454 -11.48 -22.28 33.03
C ASN B 454 -11.12 -21.38 31.84
N VAL B 455 -12.09 -20.58 31.40
CA VAL B 455 -11.93 -19.70 30.24
C VAL B 455 -11.67 -18.26 30.69
N LYS B 456 -10.61 -17.66 30.14
CA LYS B 456 -10.13 -16.34 30.58
C LYS B 456 -10.37 -15.22 29.56
N GLY B 457 -10.73 -15.58 28.33
CA GLY B 457 -10.94 -14.60 27.27
C GLY B 457 -11.62 -15.12 26.02
N TYR B 458 -12.04 -14.20 25.16
CA TYR B 458 -12.81 -14.52 23.96
C TYR B 458 -12.41 -13.63 22.77
N PHE B 459 -12.12 -14.26 21.63
CA PHE B 459 -11.73 -13.55 20.42
C PHE B 459 -12.64 -13.89 19.25
N ALA B 460 -13.27 -12.88 18.68
CA ALA B 460 -14.19 -13.06 17.56
C ALA B 460 -13.45 -13.09 16.23
N TRP B 461 -13.75 -14.10 15.41
CA TRP B 461 -13.33 -14.10 14.02
C TRP B 461 -14.47 -13.54 13.17
N SER B 462 -14.28 -12.39 12.54
CA SER B 462 -13.01 -11.67 12.50
C SER B 462 -13.30 -10.18 12.61
N LEU B 463 -12.27 -9.37 12.84
CA LEU B 463 -12.45 -7.90 12.86
C LEU B 463 -12.93 -7.37 11.51
N LEU B 464 -12.31 -7.84 10.43
CA LEU B 464 -12.62 -7.38 9.09
C LEU B 464 -12.89 -8.55 8.17
N ASP B 465 -13.62 -8.29 7.08
CA ASP B 465 -13.67 -9.22 5.96
C ASP B 465 -12.25 -9.38 5.45
N ASN B 466 -11.92 -10.58 5.01
CA ASN B 466 -10.55 -10.90 4.61
C ASN B 466 -10.51 -12.07 3.62
N PHE B 467 -9.29 -12.46 3.23
CA PHE B 467 -9.08 -13.60 2.35
C PHE B 467 -9.40 -14.91 3.08
N GLU B 468 -10.51 -15.54 2.71
CA GLU B 468 -10.93 -16.79 3.35
C GLU B 468 -10.38 -18.01 2.62
N TRP B 469 -9.05 -18.05 2.51
CA TRP B 469 -8.32 -19.21 2.01
C TRP B 469 -8.89 -19.73 0.68
N SER B 470 -9.27 -21.01 0.65
CA SER B 470 -9.77 -21.65 -0.58
C SER B 470 -11.09 -21.07 -1.07
N ASN B 471 -11.73 -20.26 -0.24
CA ASN B 471 -12.97 -19.57 -0.60
C ASN B 471 -12.76 -18.14 -1.08
N GLY B 472 -11.51 -17.66 -0.99
CA GLY B 472 -11.16 -16.31 -1.43
C GLY B 472 -11.99 -15.23 -0.77
N TYR B 473 -12.56 -14.36 -1.60
CA TYR B 473 -13.35 -13.23 -1.13
C TYR B 473 -14.84 -13.44 -1.36
N THR B 474 -15.23 -14.70 -1.56
CA THR B 474 -16.63 -15.04 -1.83
C THR B 474 -17.47 -15.07 -0.55
N VAL B 475 -16.81 -15.16 0.60
CA VAL B 475 -17.49 -15.12 1.89
C VAL B 475 -16.89 -14.06 2.81
N ARG B 476 -17.73 -13.52 3.70
CA ARG B 476 -17.35 -12.40 4.56
C ARG B 476 -17.54 -12.75 6.03
N PHE B 477 -16.43 -12.83 6.78
CA PHE B 477 -16.46 -13.19 8.21
C PHE B 477 -16.44 -11.99 9.15
N GLY B 478 -16.21 -10.80 8.61
CA GLY B 478 -15.89 -9.63 9.43
C GLY B 478 -17.03 -8.99 10.20
N ILE B 479 -16.68 -8.39 11.34
CA ILE B 479 -17.58 -7.49 12.05
C ILE B 479 -17.61 -6.14 11.32
N ASN B 480 -16.54 -5.85 10.57
CA ASN B 480 -16.48 -4.68 9.72
C ASN B 480 -16.36 -5.07 8.24
N PHE B 481 -17.08 -4.34 7.40
CA PHE B 481 -17.13 -4.57 5.96
C PHE B 481 -15.88 -4.01 5.29
N VAL B 482 -15.30 -4.77 4.37
CA VAL B 482 -14.19 -4.29 3.56
C VAL B 482 -14.63 -4.20 2.10
N ASP B 483 -14.57 -2.98 1.57
CA ASP B 483 -14.96 -2.71 0.19
C ASP B 483 -13.75 -2.89 -0.72
N TYR B 484 -13.57 -4.10 -1.23
CA TYR B 484 -12.45 -4.44 -2.12
C TYR B 484 -12.45 -3.65 -3.43
N ASN B 485 -13.62 -3.16 -3.82
CA ASN B 485 -13.77 -2.38 -5.05
C ASN B 485 -13.56 -0.88 -4.87
N ASP B 486 -13.55 -0.41 -3.61
CA ASP B 486 -13.28 1.00 -3.32
C ASP B 486 -12.14 1.14 -2.32
N GLY B 487 -10.94 0.77 -2.76
CA GLY B 487 -9.71 0.98 -1.99
C GLY B 487 -9.64 0.33 -0.62
N ARG B 488 -10.39 -0.77 -0.43
CA ARG B 488 -10.44 -1.49 0.84
C ARG B 488 -10.97 -0.68 2.03
N LYS B 489 -11.88 0.25 1.73
CA LYS B 489 -12.54 1.05 2.76
C LYS B 489 -13.30 0.18 3.74
N ARG B 490 -13.23 0.53 5.02
CA ARG B 490 -13.91 -0.20 6.08
C ARG B 490 -15.21 0.47 6.49
N TYR B 491 -16.24 -0.35 6.65
CA TYR B 491 -17.54 0.10 7.13
C TYR B 491 -18.01 -0.82 8.24
N PRO B 492 -18.30 -0.26 9.43
CA PRO B 492 -18.89 -1.08 10.50
C PRO B 492 -20.21 -1.72 10.08
N LYS B 493 -20.35 -3.01 10.36
CA LYS B 493 -21.61 -3.71 10.13
C LYS B 493 -22.48 -3.53 11.37
N ASN B 494 -23.74 -3.95 11.32
CA ASN B 494 -24.62 -3.82 12.48
C ASN B 494 -24.07 -4.52 13.71
N SER B 495 -23.29 -5.59 13.49
CA SER B 495 -22.64 -6.33 14.57
C SER B 495 -21.58 -5.54 15.33
N ALA B 496 -20.97 -4.56 14.66
CA ALA B 496 -20.00 -3.66 15.31
C ALA B 496 -20.68 -2.83 16.39
N HIS B 497 -21.87 -2.32 16.06
CA HIS B 497 -22.66 -1.54 17.01
C HIS B 497 -23.16 -2.41 18.16
N TRP B 498 -23.52 -3.66 17.83
CA TRP B 498 -23.95 -4.63 18.84
C TRP B 498 -22.84 -4.93 19.84
N PHE B 499 -21.62 -5.15 19.34
CA PHE B 499 -20.47 -5.41 20.21
C PHE B 499 -20.13 -4.19 21.07
N LYS B 500 -20.28 -3.00 20.52
CA LYS B 500 -20.07 -1.77 21.27
C LYS B 500 -20.99 -1.68 22.49
N LYS B 501 -22.25 -2.03 22.31
CA LYS B 501 -23.22 -2.06 23.40
C LYS B 501 -22.86 -3.16 24.41
N PHE B 502 -22.54 -4.34 23.88
CA PHE B 502 -22.13 -5.49 24.68
C PHE B 502 -20.93 -5.19 25.58
N LEU B 503 -19.97 -4.44 25.05
CA LEU B 503 -18.68 -4.22 25.70
C LEU B 503 -18.57 -2.99 26.62
N LEU B 504 -19.68 -2.31 26.87
CA LEU B 504 -19.68 -1.22 27.86
C LEU B 504 -19.76 -1.82 29.26
N LYS B 505 -19.01 -1.38 30.27
CA LYS B 505 -17.75 -0.68 30.21
C LYS B 505 -16.69 -1.51 30.93
C1 G2F C . 3.77 18.83 -15.09
C2 G2F C . 3.76 18.88 -13.56
C3 G2F C . 3.13 17.60 -13.03
C4 G2F C . 1.71 17.47 -13.57
C5 G2F C . 1.79 17.45 -15.11
C6 G2F C . 0.44 17.28 -15.80
O3 G2F C . 3.18 17.57 -11.60
O4 G2F C . 1.06 16.29 -13.08
O5 G2F C . 2.43 18.65 -15.57
O6 G2F C . -0.47 18.30 -15.41
F2 G2F C . 5.04 19.01 -13.10
ZN ZN D . 3.03 0.04 0.24
C1 GOL E . -0.22 22.81 -16.60
O1 GOL E . 0.08 23.15 -17.95
C2 GOL E . 0.88 21.92 -16.03
O2 GOL E . 2.12 22.53 -16.24
C3 GOL E . 0.67 21.71 -14.53
O3 GOL E . -0.37 20.78 -14.27
C1 GOL F . -6.79 3.89 -2.27
O1 GOL F . -5.87 3.43 -3.23
C2 GOL F . -6.04 4.67 -1.21
O2 GOL F . -6.66 5.91 -1.01
C3 GOL F . -5.99 3.87 0.09
O3 GOL F . -6.30 4.67 1.21
C1 GOL G . 4.51 35.23 -29.80
O1 GOL G . 5.51 35.10 -30.79
C2 GOL G . 3.71 33.94 -29.65
O2 GOL G . 3.38 33.39 -30.91
C3 GOL G . 4.47 32.93 -28.80
O3 GOL G . 3.72 31.74 -28.72
C1 GOL H . -3.79 25.43 -15.49
O1 GOL H . -3.42 25.47 -16.85
C2 GOL H . -3.76 23.99 -15.00
O2 GOL H . -2.47 23.71 -14.47
C3 GOL H . -4.81 23.80 -13.92
O3 GOL H . -4.86 22.43 -13.56
C1 G2F I . -10.12 -19.79 11.82
C2 G2F I . -8.85 -19.65 11.00
C3 G2F I . -9.00 -18.49 10.03
C4 G2F I . -10.26 -18.64 9.18
C5 G2F I . -11.49 -18.80 10.08
C6 G2F I . -12.75 -19.10 9.27
O3 G2F I . -7.84 -18.40 9.20
O4 G2F I . -10.43 -17.49 8.35
O5 G2F I . -11.31 -19.87 11.02
O6 G2F I . -12.50 -20.25 8.46
F2 G2F I . -7.80 -19.38 11.84
C1 GOL J . -10.28 -22.77 9.15
O1 GOL J . -10.84 -22.48 7.88
C2 GOL J . -11.36 -23.33 10.07
O2 GOL J . -10.97 -23.13 11.41
C3 GOL J . -11.53 -24.84 9.84
O3 GOL J . -12.74 -25.27 10.42
C1 GOL K . 6.71 0.35 7.28
O1 GOL K . 7.53 -0.80 7.36
C2 GOL K . 5.25 0.01 7.54
O2 GOL K . 4.82 0.60 8.74
C3 GOL K . 4.39 0.50 6.37
O3 GOL K . 3.03 0.52 6.73
#